data_4RKP
#
_entry.id   4RKP
#
_cell.length_a   150.490
_cell.length_b   62.490
_cell.length_c   103.190
_cell.angle_alpha   90.00
_cell.angle_beta   123.72
_cell.angle_gamma   90.00
#
_symmetry.space_group_name_H-M   'C 1 2 1'
#
loop_
_entity.id
_entity.type
_entity.pdbx_description
1 polymer 'Putative uncharacterized protein Ta1305'
2 non-polymer 'SULFATE ION'
3 non-polymer 'ACETATE ION'
4 water water
#
_entity_poly.entity_id   1
_entity_poly.type   'polypeptide(L)'
_entity_poly.pdbx_seq_one_letter_code
;MGSSHHHHHHSSGLVPRGSMTYRSIGSTAYPTIGVVLLGGIANPVTRTPLHTSAGIAYSDSCGSIRSETRIYADEATHIY
FNGTESTDDNRSVRRVLDRYSSVFEEAFGTKTVSYSSQNFGILSGSSDAGAASIGAAILGLKPDLDPHDVENDLRAVSES
AGRSLFGGLTITWSDGFHAYTEKILDPEAFSGYSIVAFAFDYQRNPSDVIHQNIVRSDLYPARKKHADEHAHMIKEYAKT
NDIKGIFDLAQEDTEEYHSILRGVGVNVIRENMQKLISYLKLIRKDYWNAYIVTGGSNVYVAVESENADRLFSIENTFGS
KKKMLRIVGGAWHRRPE
;
_entity_poly.pdbx_strand_id   A,B
#
loop_
_chem_comp.id
_chem_comp.type
_chem_comp.name
_chem_comp.formula
ACT non-polymer 'ACETATE ION' 'C2 H3 O2 -1'
SO4 non-polymer 'SULFATE ION' 'O4 S -2'
#
# COMPACT_ATOMS: atom_id res chain seq x y z
N THR A 21 16.30 16.20 -18.67
CA THR A 21 16.83 14.84 -18.71
C THR A 21 16.05 13.82 -17.85
N TYR A 22 15.05 14.27 -17.10
CA TYR A 22 14.06 13.36 -16.54
C TYR A 22 12.83 13.26 -17.48
N ARG A 23 11.93 12.30 -17.25
CA ARG A 23 10.74 12.18 -18.09
C ARG A 23 9.42 12.09 -17.30
N SER A 24 9.50 11.87 -16.01
CA SER A 24 8.30 11.56 -15.24
C SER A 24 8.52 11.70 -13.74
N ILE A 25 7.46 12.03 -13.01
CA ILE A 25 7.51 12.06 -11.56
C ILE A 25 6.13 11.67 -11.03
N GLY A 26 6.12 10.87 -9.96
CA GLY A 26 4.90 10.44 -9.33
C GLY A 26 4.76 11.03 -7.94
N SER A 27 3.53 11.26 -7.49
CA SER A 27 3.30 11.82 -6.16
C SER A 27 2.04 11.28 -5.53
N THR A 28 1.87 11.60 -4.25
CA THR A 28 0.80 11.06 -3.43
C THR A 28 0.34 12.10 -2.42
N ALA A 29 -0.95 12.16 -2.16
CA ALA A 29 -1.46 13.05 -1.12
C ALA A 29 -2.68 12.39 -0.50
N TYR A 30 -3.06 12.84 0.69
CA TYR A 30 -4.17 12.21 1.40
C TYR A 30 -5.37 13.12 1.48
N PRO A 31 -6.57 12.53 1.48
CA PRO A 31 -7.82 13.30 1.51
C PRO A 31 -8.00 13.94 2.86
N THR A 32 -8.93 14.90 2.94
CA THR A 32 -9.02 15.78 4.11
C THR A 32 -10.44 15.85 4.64
N ILE A 33 -10.56 16.17 5.92
CA ILE A 33 -11.83 16.41 6.58
C ILE A 33 -11.74 17.81 7.22
N GLY A 34 -12.76 18.65 7.05
CA GLY A 34 -12.74 19.97 7.66
C GLY A 34 -12.99 19.86 9.16
N VAL A 35 -12.36 20.72 9.97
CA VAL A 35 -12.72 20.80 11.40
C VAL A 35 -13.23 22.21 11.72
N VAL A 36 -12.81 23.21 10.95
CA VAL A 36 -13.58 24.46 10.86
C VAL A 36 -13.97 24.58 9.40
N LEU A 37 -15.27 24.44 9.14
CA LEU A 37 -15.74 24.15 7.80
C LEU A 37 -15.83 25.39 6.93
N LEU A 38 -15.33 25.25 5.71
CA LEU A 38 -15.27 26.33 4.75
C LEU A 38 -16.54 26.39 3.90
N GLY A 39 -17.07 27.59 3.74
CA GLY A 39 -18.16 27.81 2.83
C GLY A 39 -17.95 29.18 2.22
N GLY A 40 -17.88 29.26 0.89
CA GLY A 40 -17.71 30.54 0.22
C GLY A 40 -16.28 30.74 -0.28
N ILE A 41 -16.15 31.08 -1.56
CA ILE A 41 -14.86 31.32 -2.21
C ILE A 41 -14.88 32.65 -2.96
N ALA A 42 -13.71 33.26 -3.16
CA ALA A 42 -13.64 34.62 -3.65
C ALA A 42 -14.12 34.74 -5.10
N ASN A 43 -13.78 33.76 -5.92
CA ASN A 43 -14.28 33.68 -7.29
C ASN A 43 -13.98 32.29 -7.82
N PRO A 44 -14.66 31.85 -8.89
CA PRO A 44 -14.55 30.44 -9.29
C PRO A 44 -13.23 30.08 -9.97
N VAL A 45 -12.41 31.09 -10.28
CA VAL A 45 -11.12 30.84 -10.93
C VAL A 45 -10.00 30.60 -9.91
N THR A 46 -9.70 31.61 -9.11
CA THR A 46 -8.69 31.49 -8.07
C THR A 46 -9.19 30.65 -6.89
N ARG A 47 -10.49 30.72 -6.62
CA ARG A 47 -11.14 29.99 -5.52
C ARG A 47 -10.55 30.25 -4.13
N THR A 48 -10.15 31.48 -3.86
CA THR A 48 -9.63 31.83 -2.53
C THR A 48 -10.77 31.74 -1.49
N PRO A 49 -10.56 30.95 -0.42
CA PRO A 49 -11.53 30.86 0.69
C PRO A 49 -11.91 32.24 1.19
N LEU A 50 -13.20 32.48 1.35
CA LEU A 50 -13.69 33.76 1.85
C LEU A 50 -13.46 33.92 3.36
N HIS A 51 -13.10 32.85 4.05
CA HIS A 51 -12.83 32.98 5.48
C HIS A 51 -11.89 31.90 6.00
N THR A 52 -11.46 32.05 7.23
CA THR A 52 -10.52 31.12 7.84
C THR A 52 -11.18 29.74 8.01
N SER A 53 -10.42 28.69 7.76
CA SER A 53 -10.92 27.34 7.93
C SER A 53 -9.82 26.44 8.49
N ALA A 54 -10.17 25.19 8.78
CA ALA A 54 -9.21 24.28 9.41
C ALA A 54 -9.57 22.85 9.04
N GLY A 55 -8.58 21.96 9.02
CA GLY A 55 -8.84 20.57 8.67
C GLY A 55 -7.73 19.60 9.02
N ILE A 56 -7.97 18.33 8.71
CA ILE A 56 -7.04 17.24 8.99
C ILE A 56 -6.91 16.39 7.74
N ALA A 57 -5.73 15.84 7.48
CA ALA A 57 -5.60 14.85 6.42
C ALA A 57 -5.87 13.48 7.03
N TYR A 58 -6.47 12.57 6.27
CA TYR A 58 -6.76 11.25 6.78
C TYR A 58 -6.41 10.15 5.78
N SER A 59 -6.27 8.93 6.28
CA SER A 59 -6.20 7.76 5.44
C SER A 59 -6.59 6.58 6.31
N ASP A 60 -6.36 5.34 5.86
CA ASP A 60 -6.51 4.20 6.76
C ASP A 60 -5.16 3.86 7.36
N SER A 61 -5.08 2.75 8.10
CA SER A 61 -3.85 2.38 8.80
C SER A 61 -2.70 2.04 7.84
N CYS A 62 -3.01 1.58 6.63
CA CYS A 62 -1.97 1.24 5.66
CA CYS A 62 -1.93 1.25 5.70
C CYS A 62 -1.64 2.37 4.72
N GLY A 63 -2.36 3.49 4.85
CA GLY A 63 -2.17 4.60 3.94
C GLY A 63 -2.65 4.30 2.52
N SER A 64 -3.58 3.36 2.38
CA SER A 64 -4.07 2.98 1.05
C SER A 64 -5.13 3.95 0.50
N ILE A 65 -5.85 4.62 1.39
CA ILE A 65 -6.77 5.67 0.99
C ILE A 65 -5.95 6.90 0.62
N ARG A 66 -5.96 7.25 -0.64
CA ARG A 66 -4.98 8.21 -1.15
C ARG A 66 -5.33 8.66 -2.54
N SER A 67 -4.67 9.73 -2.96
CA SER A 67 -4.73 10.18 -4.34
C SER A 67 -3.32 10.15 -4.91
N GLU A 68 -3.14 9.50 -6.06
CA GLU A 68 -1.82 9.48 -6.72
C GLU A 68 -1.81 10.25 -8.04
N THR A 69 -0.71 10.94 -8.30
CA THR A 69 -0.55 11.77 -9.48
C THR A 69 0.70 11.35 -10.24
N ARG A 70 0.64 11.40 -11.57
CA ARG A 70 1.86 11.32 -12.37
C ARG A 70 1.85 12.44 -13.41
N ILE A 71 2.94 13.21 -13.45
CA ILE A 71 3.10 14.25 -14.45
C ILE A 71 4.33 13.90 -15.28
N TYR A 72 4.21 13.94 -16.60
CA TYR A 72 5.26 13.37 -17.44
C TYR A 72 5.36 14.00 -18.81
N ALA A 73 6.58 14.08 -19.31
CA ALA A 73 6.87 14.56 -20.66
C ALA A 73 6.05 13.78 -21.68
N ASP A 74 5.46 14.49 -22.64
CA ASP A 74 4.63 13.86 -23.68
C ASP A 74 4.72 14.61 -25.01
N GLU A 75 4.23 14.03 -26.10
CA GLU A 75 4.25 14.70 -27.40
C GLU A 75 3.11 15.71 -27.50
N ALA A 76 2.06 15.43 -26.75
CA ALA A 76 0.87 16.26 -26.75
C ALA A 76 0.26 16.18 -25.36
N THR A 77 -0.62 17.11 -25.04
CA THR A 77 -1.10 17.23 -23.67
C THR A 77 -2.29 16.33 -23.44
N HIS A 78 -2.14 15.37 -22.53
CA HIS A 78 -3.27 14.54 -22.14
C HIS A 78 -3.57 14.64 -20.66
N ILE A 79 -4.85 14.62 -20.32
CA ILE A 79 -5.25 14.65 -18.91
C ILE A 79 -6.16 13.48 -18.61
N TYR A 80 -5.78 12.69 -17.61
CA TYR A 80 -6.52 11.48 -17.23
C TYR A 80 -7.00 11.56 -15.77
N PHE A 81 -8.26 11.19 -15.55
CA PHE A 81 -8.82 11.07 -14.19
C PHE A 81 -9.32 9.66 -13.98
N ASN A 82 -8.73 8.99 -13.01
CA ASN A 82 -9.02 7.58 -12.72
C ASN A 82 -9.00 6.71 -13.96
N GLY A 83 -8.01 6.91 -14.82
CA GLY A 83 -7.85 6.12 -16.02
C GLY A 83 -8.62 6.65 -17.22
N THR A 84 -9.47 7.66 -17.01
CA THR A 84 -10.33 8.11 -18.09
C THR A 84 -9.83 9.42 -18.67
N GLU A 85 -9.48 9.45 -19.95
CA GLU A 85 -9.00 10.69 -20.55
C GLU A 85 -10.11 11.76 -20.53
N SER A 86 -9.75 13.01 -20.29
CA SER A 86 -10.75 14.06 -20.34
C SER A 86 -10.44 15.06 -21.45
N THR A 87 -11.50 15.54 -22.09
CA THR A 87 -11.41 16.51 -23.19
C THR A 87 -11.69 17.92 -22.68
N ASP A 88 -12.56 18.03 -21.69
CA ASP A 88 -12.86 19.31 -21.05
C ASP A 88 -13.13 19.06 -19.58
N ASP A 89 -13.57 20.09 -18.86
CA ASP A 89 -13.68 20.03 -17.39
C ASP A 89 -12.31 19.67 -16.78
N ASN A 90 -11.27 20.38 -17.23
CA ASN A 90 -9.90 20.11 -16.82
C ASN A 90 -9.05 21.38 -16.91
N ARG A 91 -9.73 22.53 -17.02
CA ARG A 91 -9.08 23.82 -17.20
C ARG A 91 -8.19 24.23 -16.01
N SER A 92 -8.59 23.81 -14.81
CA SER A 92 -7.87 24.16 -13.60
C SER A 92 -6.54 23.41 -13.51
N VAL A 93 -6.56 22.11 -13.75
CA VAL A 93 -5.33 21.34 -13.81
C VAL A 93 -4.43 21.92 -14.92
N ARG A 94 -4.98 22.17 -16.10
CA ARG A 94 -4.21 22.77 -17.20
C ARG A 94 -3.60 24.12 -16.83
N ARG A 95 -4.36 24.95 -16.11
CA ARG A 95 -3.84 26.26 -15.67
C ARG A 95 -2.62 26.10 -14.77
N VAL A 96 -2.69 25.20 -13.79
CA VAL A 96 -1.54 24.98 -12.91
C VAL A 96 -0.35 24.50 -13.73
N LEU A 97 -0.57 23.53 -14.62
CA LEU A 97 0.52 23.00 -15.44
C LEU A 97 1.17 24.05 -16.34
N ASP A 98 0.40 25.04 -16.79
CA ASP A 98 0.96 26.10 -17.62
C ASP A 98 1.78 27.08 -16.81
N ARG A 99 1.31 27.41 -15.62
CA ARG A 99 2.04 28.35 -14.77
C ARG A 99 3.42 27.82 -14.37
N TYR A 100 3.56 26.50 -14.27
CA TYR A 100 4.86 25.93 -13.88
C TYR A 100 5.59 25.33 -15.08
N SER A 101 5.27 25.84 -16.26
CA SER A 101 5.84 25.33 -17.50
C SER A 101 7.37 25.35 -17.46
N SER A 102 7.95 26.40 -16.86
CA SER A 102 9.40 26.50 -16.76
C SER A 102 10.00 25.40 -15.88
N VAL A 103 9.24 24.93 -14.89
CA VAL A 103 9.73 23.83 -14.05
C VAL A 103 9.85 22.58 -14.91
N PHE A 104 8.86 22.32 -15.75
CA PHE A 104 8.88 21.16 -16.62
C PHE A 104 9.95 21.29 -17.74
N GLU A 105 10.09 22.50 -18.30
CA GLU A 105 11.17 22.79 -19.26
C GLU A 105 12.52 22.35 -18.68
N GLU A 106 12.81 22.82 -17.46
CA GLU A 106 14.09 22.57 -16.82
C GLU A 106 14.32 21.10 -16.47
N ALA A 107 13.29 20.44 -15.95
CA ALA A 107 13.49 19.07 -15.48
C ALA A 107 13.31 18.02 -16.56
N PHE A 108 12.40 18.29 -17.51
CA PHE A 108 12.06 17.33 -18.54
C PHE A 108 12.60 17.68 -19.93
N GLY A 109 12.96 18.95 -20.12
CA GLY A 109 13.41 19.41 -21.44
C GLY A 109 12.28 19.72 -22.39
N THR A 110 11.05 19.77 -21.87
CA THR A 110 9.90 20.16 -22.66
C THR A 110 8.84 20.79 -21.73
N LYS A 111 8.06 21.71 -22.29
CA LYS A 111 6.92 22.30 -21.59
C LYS A 111 5.67 21.43 -21.71
N THR A 112 5.73 20.43 -22.58
CA THR A 112 4.56 19.66 -22.92
C THR A 112 4.46 18.43 -22.03
N VAL A 113 3.57 18.49 -21.06
CA VAL A 113 3.44 17.41 -20.08
C VAL A 113 2.02 16.91 -20.01
N SER A 114 1.89 15.61 -19.72
CA SER A 114 0.58 15.02 -19.50
C SER A 114 0.41 14.76 -18.02
N TYR A 115 -0.84 14.62 -17.61
CA TYR A 115 -1.17 14.44 -16.20
C TYR A 115 -2.11 13.26 -16.01
N SER A 116 -1.82 12.45 -15.01
CA SER A 116 -2.63 11.29 -14.69
C SER A 116 -2.91 11.27 -13.19
N SER A 117 -4.19 11.15 -12.85
CA SER A 117 -4.64 11.16 -11.47
C SER A 117 -5.42 9.91 -11.15
N GLN A 118 -5.22 9.33 -9.97
CA GLN A 118 -5.99 8.13 -9.59
C GLN A 118 -6.29 8.15 -8.10
N ASN A 119 -7.57 8.03 -7.77
CA ASN A 119 -8.04 8.06 -6.40
C ASN A 119 -8.28 6.64 -5.89
N PHE A 120 -7.91 6.38 -4.63
CA PHE A 120 -8.18 5.10 -4.01
C PHE A 120 -8.95 5.25 -2.69
N GLY A 121 -10.15 4.67 -2.64
CA GLY A 121 -10.90 4.56 -1.40
C GLY A 121 -11.28 5.84 -0.68
N ILE A 122 -11.25 6.98 -1.37
CA ILE A 122 -11.48 8.24 -0.69
C ILE A 122 -12.97 8.44 -0.45
N LEU A 123 -13.33 8.92 0.73
CA LEU A 123 -14.71 9.29 1.01
C LEU A 123 -14.93 10.71 0.49
N SER A 124 -14.81 11.70 1.36
CA SER A 124 -14.79 13.07 0.89
C SER A 124 -13.40 13.66 1.02
N GLY A 125 -13.21 14.82 0.40
CA GLY A 125 -11.93 15.49 0.41
C GLY A 125 -10.97 15.04 -0.70
N SER A 126 -11.49 14.46 -1.77
CA SER A 126 -10.61 13.95 -2.82
C SER A 126 -10.03 15.02 -3.73
N SER A 127 -10.77 16.11 -3.97
CA SER A 127 -10.21 17.15 -4.84
C SER A 127 -9.06 17.85 -4.13
N ASP A 128 -9.14 17.99 -2.81
CA ASP A 128 -8.02 18.53 -2.02
C ASP A 128 -6.76 17.68 -2.18
N ALA A 129 -6.91 16.38 -2.08
CA ALA A 129 -5.81 15.46 -2.27
C ALA A 129 -5.25 15.54 -3.70
N GLY A 130 -6.13 15.63 -4.70
CA GLY A 130 -5.69 15.69 -6.07
C GLY A 130 -4.88 16.96 -6.28
N ALA A 131 -5.34 18.06 -5.71
CA ALA A 131 -4.64 19.35 -5.84
C ALA A 131 -3.27 19.28 -5.15
N ALA A 132 -3.23 18.76 -3.93
CA ALA A 132 -1.96 18.70 -3.20
C ALA A 132 -0.97 17.78 -3.89
N SER A 133 -1.43 16.68 -4.49
CA SER A 133 -0.47 15.76 -5.13
C SER A 133 0.12 16.38 -6.39
N ILE A 134 -0.65 17.25 -7.06
CA ILE A 134 -0.05 18.05 -8.13
C ILE A 134 1.08 18.93 -7.58
N GLY A 135 0.79 19.62 -6.49
CA GLY A 135 1.79 20.44 -5.83
C GLY A 135 3.02 19.65 -5.41
N ALA A 136 2.80 18.45 -4.91
CA ALA A 136 3.92 17.62 -4.47
C ALA A 136 4.81 17.22 -5.63
N ALA A 137 4.20 16.98 -6.79
CA ALA A 137 4.94 16.61 -7.99
C ALA A 137 5.82 17.77 -8.45
N ILE A 138 5.21 18.95 -8.53
CA ILE A 138 5.91 20.17 -8.91
C ILE A 138 7.01 20.53 -7.92
N LEU A 139 6.75 20.39 -6.63
CA LEU A 139 7.76 20.64 -5.61
C LEU A 139 8.90 19.61 -5.71
N GLY A 140 8.57 18.38 -6.09
CA GLY A 140 9.57 17.34 -6.27
C GLY A 140 10.55 17.65 -7.39
N LEU A 141 10.08 18.33 -8.43
CA LEU A 141 10.92 18.69 -9.56
C LEU A 141 11.74 19.95 -9.29
N LYS A 142 11.22 20.82 -8.44
CA LYS A 142 11.94 22.05 -8.08
C LYS A 142 11.79 22.31 -6.58
N PRO A 143 12.61 21.61 -5.76
CA PRO A 143 12.33 21.63 -4.31
C PRO A 143 12.61 22.95 -3.62
N ASP A 144 13.18 23.96 -4.27
CA ASP A 144 13.32 25.21 -3.51
C ASP A 144 12.18 26.17 -3.77
N LEU A 145 11.17 25.74 -4.52
CA LEU A 145 9.92 26.51 -4.60
C LEU A 145 9.30 26.59 -3.20
N ASP A 146 8.60 27.69 -2.95
CA ASP A 146 7.89 27.85 -1.68
C ASP A 146 6.52 27.15 -1.75
N PRO A 147 6.31 26.12 -0.91
CA PRO A 147 5.04 25.40 -0.95
C PRO A 147 3.85 26.30 -0.63
N HIS A 148 4.05 27.36 0.16
CA HIS A 148 2.95 28.29 0.44
C HIS A 148 2.58 29.09 -0.81
N ASP A 149 3.57 29.40 -1.66
CA ASP A 149 3.27 30.06 -2.93
C ASP A 149 2.62 29.09 -3.92
N VAL A 150 3.15 27.89 -4.00
CA VAL A 150 2.57 26.87 -4.86
C VAL A 150 1.11 26.61 -4.45
N GLU A 151 0.85 26.54 -3.14
CA GLU A 151 -0.51 26.33 -2.67
C GLU A 151 -1.50 27.35 -3.25
N ASN A 152 -1.05 28.60 -3.40
CA ASN A 152 -1.91 29.64 -3.95
C ASN A 152 -2.45 29.25 -5.32
N ASP A 153 -1.57 28.70 -6.16
CA ASP A 153 -2.00 28.22 -7.47
C ASP A 153 -2.84 26.95 -7.40
N LEU A 154 -2.62 26.12 -6.38
CA LEU A 154 -3.34 24.86 -6.27
C LEU A 154 -4.81 25.08 -5.94
N ARG A 155 -5.13 26.20 -5.31
CA ARG A 155 -6.51 26.39 -4.86
C ARG A 155 -7.47 26.45 -6.04
N ALA A 156 -6.97 26.83 -7.22
CA ALA A 156 -7.81 26.81 -8.42
C ALA A 156 -8.31 25.40 -8.71
N VAL A 157 -7.52 24.39 -8.35
CA VAL A 157 -7.97 23.00 -8.49
C VAL A 157 -8.87 22.61 -7.31
N SER A 158 -8.49 22.98 -6.10
CA SER A 158 -9.34 22.76 -4.93
C SER A 158 -9.02 23.75 -3.84
N GLU A 159 -10.03 24.42 -3.32
CA GLU A 159 -9.83 25.55 -2.41
C GLU A 159 -9.16 25.16 -1.08
N SER A 160 -9.25 23.90 -0.67
CA SER A 160 -8.66 23.48 0.60
C SER A 160 -7.44 22.59 0.41
N ALA A 161 -6.75 22.79 -0.72
CA ALA A 161 -5.56 22.01 -1.05
C ALA A 161 -4.50 22.05 0.03
N GLY A 162 -4.36 23.19 0.72
CA GLY A 162 -3.40 23.32 1.80
C GLY A 162 -3.51 22.25 2.89
N ARG A 163 -4.72 21.84 3.23
CA ARG A 163 -4.93 20.81 4.24
C ARG A 163 -4.15 19.55 3.88
N SER A 164 -4.22 19.14 2.61
CA SER A 164 -3.55 17.93 2.16
C SER A 164 -2.07 18.14 1.85
N LEU A 165 -1.71 19.32 1.34
CA LEU A 165 -0.31 19.62 1.06
C LEU A 165 0.54 19.53 2.32
N PHE A 166 0.05 20.11 3.42
CA PHE A 166 0.84 20.17 4.64
C PHE A 166 0.54 19.05 5.62
N GLY A 167 -0.69 18.54 5.61
CA GLY A 167 -0.98 17.32 6.36
C GLY A 167 -1.21 17.60 7.83
N GLY A 168 -1.49 16.54 8.60
CA GLY A 168 -1.80 16.71 10.00
C GLY A 168 -3.01 17.60 10.20
N LEU A 169 -2.96 18.38 11.28
CA LEU A 169 -4.01 19.33 11.58
C LEU A 169 -3.49 20.68 11.11
N THR A 170 -4.26 21.33 10.24
CA THR A 170 -3.87 22.64 9.69
C THR A 170 -4.94 23.68 9.91
N ILE A 171 -4.50 24.94 9.89
CA ILE A 171 -5.39 26.09 9.82
C ILE A 171 -5.05 26.87 8.55
N THR A 172 -6.06 27.24 7.78
CA THR A 172 -5.84 28.09 6.61
C THR A 172 -6.49 29.44 6.88
N TRP A 173 -5.68 30.42 7.29
CA TRP A 173 -6.17 31.77 7.54
C TRP A 173 -6.51 32.42 6.23
N SER A 174 -7.63 33.12 6.17
CA SER A 174 -7.96 33.85 4.95
C SER A 174 -8.82 35.10 5.20
N ASP A 175 -8.51 36.19 4.53
CA ASP A 175 -9.37 37.38 4.56
C ASP A 175 -10.17 37.50 3.26
N GLY A 176 -10.17 36.42 2.47
CA GLY A 176 -10.83 36.43 1.18
C GLY A 176 -9.97 36.95 0.03
N PHE A 177 -8.79 37.49 0.34
CA PHE A 177 -7.89 38.00 -0.68
C PHE A 177 -6.57 37.25 -0.62
N HIS A 178 -6.05 37.11 0.61
CA HIS A 178 -4.86 36.31 0.85
C HIS A 178 -5.20 35.18 1.80
N ALA A 179 -4.65 34.00 1.53
CA ALA A 179 -4.88 32.85 2.39
C ALA A 179 -3.54 32.19 2.67
N TYR A 180 -3.39 31.65 3.87
CA TYR A 180 -2.12 31.07 4.29
C TYR A 180 -2.37 29.87 5.22
N THR A 181 -1.75 28.75 4.89
CA THR A 181 -1.96 27.51 5.63
C THR A 181 -0.78 27.23 6.55
N GLU A 182 -1.04 26.92 7.82
CA GLU A 182 0.03 26.47 8.69
C GLU A 182 -0.35 25.19 9.42
N LYS A 183 0.61 24.28 9.53
CA LYS A 183 0.38 23.04 10.26
C LYS A 183 0.49 23.35 11.76
N ILE A 184 -0.50 22.87 12.48
CA ILE A 184 -0.73 23.20 13.87
C ILE A 184 -0.38 22.00 14.78
N LEU A 185 -0.64 20.79 14.30
CA LEU A 185 -0.23 19.55 14.97
C LEU A 185 0.16 18.49 13.97
N ASP A 186 1.20 17.72 14.30
CA ASP A 186 1.60 16.55 13.54
C ASP A 186 0.57 15.43 13.67
N PRO A 187 0.53 14.53 12.67
CA PRO A 187 -0.34 13.35 12.77
C PRO A 187 -0.10 12.55 14.06
N GLU A 188 1.14 12.54 14.56
CA GLU A 188 1.50 11.83 15.79
C GLU A 188 0.75 12.33 17.03
N ALA A 189 0.37 13.60 17.02
CA ALA A 189 -0.40 14.17 18.12
C ALA A 189 -1.76 13.47 18.28
N PHE A 190 -2.22 12.82 17.21
CA PHE A 190 -3.52 12.14 17.21
C PHE A 190 -3.40 10.61 17.31
N SER A 191 -2.24 10.10 17.70
CA SER A 191 -2.03 8.65 17.68
C SER A 191 -2.96 7.91 18.64
N GLY A 192 -3.46 8.60 19.66
CA GLY A 192 -4.41 8.00 20.58
C GLY A 192 -5.86 8.08 20.13
N TYR A 193 -6.07 8.46 18.87
CA TYR A 193 -7.43 8.71 18.38
C TYR A 193 -7.69 8.06 17.03
N SER A 194 -8.95 7.80 16.73
CA SER A 194 -9.33 7.20 15.47
C SER A 194 -10.55 7.89 14.95
N ILE A 195 -10.80 7.71 13.67
CA ILE A 195 -12.07 8.20 13.14
C ILE A 195 -12.80 7.05 12.47
N VAL A 196 -14.04 6.80 12.90
CA VAL A 196 -14.88 5.85 12.20
C VAL A 196 -15.79 6.62 11.30
N ALA A 197 -15.67 6.39 10.00
CA ALA A 197 -16.49 7.08 9.03
C ALA A 197 -17.71 6.23 8.70
N PHE A 198 -18.88 6.85 8.73
CA PHE A 198 -20.09 6.19 8.29
C PHE A 198 -20.54 6.78 6.96
N ALA A 199 -20.42 5.99 5.91
CA ALA A 199 -20.68 6.46 4.55
C ALA A 199 -22.10 6.11 4.09
N PHE A 200 -22.88 7.13 3.73
CA PHE A 200 -24.29 6.96 3.31
C PHE A 200 -24.46 7.14 1.81
N ASP A 201 -25.58 6.66 1.28
CA ASP A 201 -25.79 6.54 -0.16
C ASP A 201 -26.44 7.78 -0.80
N TYR A 202 -26.83 8.75 0.01
CA TYR A 202 -27.46 9.96 -0.51
C TYR A 202 -26.57 10.72 -1.49
N GLN A 203 -27.14 11.13 -2.62
CA GLN A 203 -26.39 11.93 -3.57
C GLN A 203 -25.97 13.23 -2.91
N ARG A 204 -24.70 13.59 -3.01
CA ARG A 204 -24.19 14.77 -2.30
C ARG A 204 -24.40 16.07 -3.08
N ASN A 205 -24.53 17.17 -2.34
CA ASN A 205 -24.51 18.49 -2.95
C ASN A 205 -23.09 18.81 -3.40
N PRO A 206 -22.94 19.19 -4.67
CA PRO A 206 -21.63 19.61 -5.16
C PRO A 206 -21.03 20.73 -4.31
N SER A 207 -19.71 20.82 -4.32
CA SER A 207 -18.98 21.86 -3.62
C SER A 207 -19.53 23.24 -3.96
N ASP A 208 -19.73 23.48 -5.26
CA ASP A 208 -20.12 24.81 -5.73
C ASP A 208 -21.55 25.18 -5.27
N VAL A 209 -22.41 24.20 -5.10
CA VAL A 209 -23.74 24.50 -4.57
C VAL A 209 -23.64 25.04 -3.13
N ILE A 210 -22.76 24.46 -2.34
CA ILE A 210 -22.53 24.94 -0.99
C ILE A 210 -21.93 26.35 -1.01
N HIS A 211 -20.92 26.57 -1.84
CA HIS A 211 -20.29 27.88 -1.90
C HIS A 211 -21.26 28.96 -2.37
N GLN A 212 -22.08 28.62 -3.36
CA GLN A 212 -22.98 29.62 -3.93
C GLN A 212 -24.08 30.00 -2.95
N ASN A 213 -24.66 29.03 -2.26
CA ASN A 213 -25.81 29.29 -1.41
C ASN A 213 -25.44 29.87 -0.04
N ILE A 214 -24.30 29.47 0.52
CA ILE A 214 -24.02 29.86 1.90
C ILE A 214 -23.83 31.38 2.01
N VAL A 215 -23.22 32.00 1.00
CA VAL A 215 -23.00 33.44 1.01
C VAL A 215 -24.29 34.27 0.91
N ARG A 216 -25.42 33.62 0.68
CA ARG A 216 -26.73 34.29 0.65
C ARG A 216 -27.33 34.48 2.05
N SER A 217 -26.84 33.75 3.03
CA SER A 217 -27.40 33.79 4.37
C SER A 217 -27.01 35.08 5.06
N ASP A 218 -27.93 35.71 5.80
CA ASP A 218 -27.52 36.91 6.54
C ASP A 218 -26.73 36.54 7.79
N LEU A 219 -26.59 35.24 8.04
CA LEU A 219 -25.70 34.76 9.11
C LEU A 219 -24.24 34.69 8.65
N TYR A 220 -24.02 34.86 7.34
CA TYR A 220 -22.70 34.60 6.78
C TYR A 220 -21.60 35.55 7.30
N PRO A 221 -21.88 36.87 7.43
CA PRO A 221 -20.82 37.71 7.98
C PRO A 221 -20.40 37.30 9.39
N ALA A 222 -21.35 36.91 10.24
CA ALA A 222 -21.01 36.42 11.55
C ALA A 222 -20.24 35.10 11.45
N ARG A 223 -20.66 34.25 10.52
CA ARG A 223 -20.05 32.94 10.32
C ARG A 223 -18.54 33.09 10.03
N LYS A 224 -18.20 34.05 9.19
CA LYS A 224 -16.79 34.29 8.85
C LYS A 224 -15.95 34.65 10.08
N LYS A 225 -16.51 35.46 10.98
CA LYS A 225 -15.82 35.82 12.21
C LYS A 225 -15.72 34.63 13.16
N HIS A 226 -16.83 33.91 13.31
CA HIS A 226 -16.87 32.73 14.17
C HIS A 226 -15.88 31.65 13.72
N ALA A 227 -15.76 31.46 12.42
CA ALA A 227 -14.81 30.47 11.91
C ALA A 227 -13.41 30.88 12.34
N ASP A 228 -13.07 32.15 12.20
CA ASP A 228 -11.75 32.61 12.63
C ASP A 228 -11.53 32.44 14.12
N GLU A 229 -12.55 32.72 14.94
CA GLU A 229 -12.46 32.48 16.38
C GLU A 229 -12.20 31.00 16.69
N HIS A 230 -12.94 30.11 16.03
CA HIS A 230 -12.77 28.67 16.23
C HIS A 230 -11.35 28.23 15.88
N ALA A 231 -10.79 28.80 14.82
CA ALA A 231 -9.41 28.51 14.48
C ALA A 231 -8.44 28.92 15.60
N HIS A 232 -8.65 30.10 16.18
CA HIS A 232 -7.78 30.51 17.29
C HIS A 232 -7.91 29.58 18.49
N MET A 233 -9.13 29.17 18.81
CA MET A 233 -9.38 28.24 19.91
C MET A 233 -8.71 26.89 19.67
N ILE A 234 -8.76 26.44 18.43
CA ILE A 234 -8.08 25.20 18.05
C ILE A 234 -6.58 25.34 18.25
N LYS A 235 -6.03 26.51 17.92
CA LYS A 235 -4.61 26.70 18.09
C LYS A 235 -4.27 26.72 19.59
N GLU A 236 -5.16 27.27 20.40
CA GLU A 236 -4.98 27.26 21.85
C GLU A 236 -4.97 25.83 22.39
N TYR A 237 -5.96 25.05 21.99
CA TYR A 237 -6.04 23.65 22.36
C TYR A 237 -4.78 22.88 21.99
N ALA A 238 -4.23 23.21 20.83
CA ALA A 238 -3.06 22.52 20.33
C ALA A 238 -1.86 22.68 21.28
N LYS A 239 -1.78 23.83 21.97
CA LYS A 239 -0.70 24.08 22.94
C LYS A 239 -0.54 23.02 24.02
N THR A 240 -1.63 22.30 24.33
CA THR A 240 -1.58 21.28 25.36
C THR A 240 -2.09 19.94 24.83
N ASN A 241 -2.12 19.80 23.51
CA ASN A 241 -2.61 18.59 22.85
C ASN A 241 -3.98 18.17 23.32
N ASP A 242 -4.86 19.14 23.53
CA ASP A 242 -6.23 18.84 23.94
C ASP A 242 -7.01 18.41 22.71
N ILE A 243 -6.85 17.14 22.33
CA ILE A 243 -7.45 16.65 21.10
C ILE A 243 -8.98 16.57 21.22
N LYS A 244 -9.49 16.18 22.38
CA LYS A 244 -10.92 16.15 22.61
C LYS A 244 -11.54 17.54 22.46
N GLY A 245 -10.86 18.55 22.98
CA GLY A 245 -11.30 19.92 22.85
C GLY A 245 -11.46 20.28 21.38
N ILE A 246 -10.43 20.00 20.59
CA ILE A 246 -10.45 20.21 19.15
C ILE A 246 -11.65 19.51 18.46
N PHE A 247 -11.86 18.22 18.72
CA PHE A 247 -12.97 17.54 18.06
C PHE A 247 -14.35 17.95 18.60
N ASP A 248 -14.43 18.26 19.90
CA ASP A 248 -15.67 18.81 20.45
C ASP A 248 -16.02 20.09 19.73
N LEU A 249 -15.01 20.94 19.51
CA LEU A 249 -15.24 22.20 18.82
C LEU A 249 -15.62 21.96 17.34
N ALA A 250 -14.97 20.99 16.70
CA ALA A 250 -15.31 20.67 15.32
C ALA A 250 -16.78 20.28 15.21
N GLN A 251 -17.28 19.57 16.20
CA GLN A 251 -18.69 19.18 16.16
C GLN A 251 -19.58 20.42 16.34
N GLU A 252 -19.22 21.33 17.24
CA GLU A 252 -19.96 22.59 17.37
C GLU A 252 -19.93 23.35 16.05
N ASP A 253 -18.78 23.35 15.40
CA ASP A 253 -18.63 24.09 14.15
C ASP A 253 -19.49 23.46 13.06
N THR A 254 -19.47 22.13 13.01
CA THR A 254 -20.33 21.35 12.13
C THR A 254 -21.80 21.72 12.27
N GLU A 255 -22.26 21.84 13.50
CA GLU A 255 -23.68 22.13 13.73
C GLU A 255 -24.03 23.57 13.32
N GLU A 256 -23.13 24.54 13.50
CA GLU A 256 -23.41 25.90 13.03
C GLU A 256 -23.44 25.94 11.50
N TYR A 257 -22.42 25.36 10.90
CA TYR A 257 -22.29 25.27 9.46
C TYR A 257 -23.54 24.77 8.78
N HIS A 258 -24.04 23.64 9.24
CA HIS A 258 -25.17 23.02 8.55
C HIS A 258 -26.49 23.68 8.93
N SER A 259 -26.55 24.30 10.11
CA SER A 259 -27.70 25.12 10.46
C SER A 259 -27.84 26.25 9.45
N ILE A 260 -26.75 26.93 9.17
CA ILE A 260 -26.74 27.99 8.16
C ILE A 260 -27.10 27.43 6.77
N LEU A 261 -26.52 26.30 6.39
CA LEU A 261 -26.79 25.74 5.07
C LEU A 261 -28.28 25.39 4.89
N ARG A 262 -28.88 24.77 5.91
CA ARG A 262 -30.29 24.39 5.81
C ARG A 262 -31.15 25.65 5.58
N GLY A 263 -30.73 26.76 6.16
CA GLY A 263 -31.42 28.02 6.00
C GLY A 263 -31.38 28.60 4.59
N VAL A 264 -30.42 28.19 3.77
CA VAL A 264 -30.36 28.66 2.38
C VAL A 264 -30.59 27.49 1.43
N GLY A 265 -31.26 26.45 1.91
CA GLY A 265 -31.77 25.40 1.04
C GLY A 265 -30.87 24.21 0.77
N VAL A 266 -29.83 24.06 1.56
CA VAL A 266 -28.86 22.99 1.35
C VAL A 266 -28.83 22.07 2.57
N ASN A 267 -29.43 20.90 2.45
CA ASN A 267 -29.54 19.98 3.57
C ASN A 267 -28.63 18.77 3.40
N VAL A 268 -27.42 18.85 3.96
CA VAL A 268 -26.43 17.78 3.84
C VAL A 268 -26.77 16.58 4.72
N ILE A 269 -27.23 16.87 5.93
CA ILE A 269 -27.51 15.82 6.89
C ILE A 269 -28.90 15.26 6.64
N ARG A 270 -28.96 14.19 5.87
CA ARG A 270 -30.22 13.59 5.47
C ARG A 270 -30.73 12.66 6.57
N GLU A 271 -31.92 12.10 6.36
CA GLU A 271 -32.66 11.38 7.41
C GLU A 271 -31.85 10.36 8.20
N ASN A 272 -31.21 9.42 7.53
CA ASN A 272 -30.49 8.36 8.21
C ASN A 272 -29.21 8.86 8.89
N MET A 273 -28.66 9.96 8.37
CA MET A 273 -27.53 10.60 9.02
C MET A 273 -27.99 11.23 10.34
N GLN A 274 -29.13 11.93 10.32
CA GLN A 274 -29.72 12.48 11.53
C GLN A 274 -29.94 11.38 12.57
N LYS A 275 -30.45 10.23 12.12
CA LYS A 275 -30.70 9.11 13.02
C LYS A 275 -29.40 8.58 13.63
N LEU A 276 -28.33 8.50 12.84
CA LEU A 276 -27.05 8.04 13.38
C LEU A 276 -26.55 9.03 14.43
N ILE A 277 -26.66 10.31 14.08
CA ILE A 277 -26.19 11.37 14.95
C ILE A 277 -26.93 11.37 16.28
N SER A 278 -28.25 11.15 16.23
CA SER A 278 -29.04 11.01 17.45
C SER A 278 -28.53 9.88 18.32
N TYR A 279 -28.30 8.72 17.71
CA TYR A 279 -27.72 7.57 18.40
C TYR A 279 -26.34 7.88 19.01
N LEU A 280 -25.55 8.70 18.32
CA LEU A 280 -24.21 9.04 18.77
C LEU A 280 -24.27 9.84 20.06
N LYS A 281 -25.31 10.67 20.16
CA LYS A 281 -25.55 11.45 21.35
C LYS A 281 -25.84 10.49 22.52
N LEU A 282 -26.55 9.41 22.25
CA LEU A 282 -26.83 8.44 23.31
C LEU A 282 -25.54 7.85 23.84
N ILE A 283 -24.74 7.24 22.96
CA ILE A 283 -23.57 6.54 23.45
C ILE A 283 -22.46 7.48 23.91
N ARG A 284 -22.55 8.77 23.58
CA ARG A 284 -21.61 9.76 24.13
C ARG A 284 -21.69 9.84 25.66
N LYS A 285 -22.85 9.48 26.22
CA LYS A 285 -23.03 9.36 27.66
C LYS A 285 -22.17 8.24 28.26
N ASP A 286 -21.89 7.23 27.45
CA ASP A 286 -21.09 6.08 27.86
C ASP A 286 -19.58 6.33 27.72
N TYR A 287 -19.15 6.67 26.51
CA TYR A 287 -17.75 6.98 26.27
C TYR A 287 -17.62 8.14 25.26
N TRP A 288 -16.48 8.82 25.28
CA TRP A 288 -16.35 10.02 24.46
C TRP A 288 -16.42 9.74 22.97
N ASN A 289 -17.15 10.61 22.27
CA ASN A 289 -17.06 10.71 20.82
C ASN A 289 -17.47 12.12 20.42
N ALA A 290 -17.09 12.51 19.20
CA ALA A 290 -17.55 13.75 18.61
C ALA A 290 -17.66 13.54 17.10
N TYR A 291 -18.60 14.19 16.43
CA TYR A 291 -18.76 13.89 15.01
C TYR A 291 -18.56 15.11 14.14
N ILE A 292 -18.22 14.86 12.88
CA ILE A 292 -18.10 15.90 11.88
C ILE A 292 -18.89 15.51 10.63
N VAL A 293 -19.60 16.47 10.04
CA VAL A 293 -20.19 16.31 8.72
C VAL A 293 -19.67 17.44 7.84
N THR A 294 -19.02 17.10 6.74
CA THR A 294 -18.50 18.11 5.83
C THR A 294 -19.55 18.39 4.76
N GLY A 295 -19.16 18.35 3.48
CA GLY A 295 -20.10 18.61 2.40
C GLY A 295 -20.80 17.37 1.88
N GLY A 296 -20.26 16.19 2.17
CA GLY A 296 -20.76 14.97 1.57
C GLY A 296 -21.62 14.14 2.51
N SER A 297 -22.05 12.98 2.04
CA SER A 297 -23.01 12.13 2.77
C SER A 297 -22.33 11.16 3.72
N ASN A 298 -21.43 11.70 4.54
CA ASN A 298 -20.65 10.92 5.49
C ASN A 298 -20.73 11.52 6.88
N VAL A 299 -20.74 10.65 7.89
CA VAL A 299 -20.66 11.11 9.26
C VAL A 299 -19.32 10.61 9.81
N TYR A 300 -18.45 11.54 10.18
CA TYR A 300 -17.13 11.20 10.69
C TYR A 300 -17.12 11.23 12.20
N VAL A 301 -16.81 10.12 12.85
CA VAL A 301 -16.84 10.09 14.32
C VAL A 301 -15.47 9.89 14.93
N ALA A 302 -15.01 10.90 15.66
CA ALA A 302 -13.75 10.80 16.38
C ALA A 302 -13.97 10.04 17.67
N VAL A 303 -12.99 9.23 18.04
CA VAL A 303 -13.14 8.38 19.22
C VAL A 303 -11.75 8.04 19.74
N GLU A 304 -11.60 7.90 21.05
CA GLU A 304 -10.33 7.44 21.63
C GLU A 304 -10.04 6.06 21.10
N SER A 305 -8.78 5.75 20.85
CA SER A 305 -8.43 4.49 20.20
C SER A 305 -8.87 3.26 20.98
N GLU A 306 -8.94 3.36 22.31
CA GLU A 306 -9.38 2.21 23.11
C GLU A 306 -10.84 1.87 22.86
N ASN A 307 -11.60 2.81 22.32
CA ASN A 307 -13.01 2.56 22.01
C ASN A 307 -13.31 2.44 20.53
N ALA A 308 -12.27 2.47 19.69
CA ALA A 308 -12.45 2.52 18.23
C ALA A 308 -13.09 1.24 17.68
N ASP A 309 -12.59 0.07 18.11
CA ASP A 309 -13.18 -1.20 17.65
C ASP A 309 -14.62 -1.34 18.14
N ARG A 310 -14.87 -0.87 19.35
CA ARG A 310 -16.21 -0.89 19.91
C ARG A 310 -17.17 -0.08 19.03
N LEU A 311 -16.80 1.16 18.74
CA LEU A 311 -17.63 2.04 17.92
C LEU A 311 -17.80 1.44 16.53
N PHE A 312 -16.72 0.92 15.98
CA PHE A 312 -16.74 0.34 14.64
C PHE A 312 -17.68 -0.87 14.53
N SER A 313 -17.98 -1.50 15.67
CA SER A 313 -18.80 -2.70 15.67
C SER A 313 -20.30 -2.46 15.80
N ILE A 314 -20.75 -1.20 15.88
CA ILE A 314 -22.17 -0.98 16.13
C ILE A 314 -22.95 -1.47 14.92
N GLU A 315 -24.09 -2.11 15.18
CA GLU A 315 -24.87 -2.73 14.13
C GLU A 315 -25.95 -1.78 13.60
N ASN A 316 -26.29 -0.79 14.42
CA ASN A 316 -27.30 0.20 14.06
C ASN A 316 -26.73 1.35 13.22
N THR A 317 -26.31 1.05 12.00
CA THR A 317 -25.65 2.06 11.16
C THR A 317 -26.60 2.79 10.21
N PHE A 318 -27.87 2.40 10.23
CA PHE A 318 -28.89 3.07 9.43
C PHE A 318 -28.58 3.10 7.93
N GLY A 319 -28.00 2.03 7.41
CA GLY A 319 -27.74 1.92 5.99
C GLY A 319 -26.35 2.33 5.55
N SER A 320 -25.57 2.91 6.46
CA SER A 320 -24.24 3.40 6.07
C SER A 320 -23.19 2.30 6.12
N LYS A 321 -22.07 2.52 5.42
CA LYS A 321 -20.93 1.60 5.49
C LYS A 321 -19.81 2.23 6.30
N LYS A 322 -19.02 1.39 6.97
CA LYS A 322 -18.05 1.89 7.93
C LYS A 322 -16.62 1.78 7.43
N LYS A 323 -15.82 2.82 7.68
CA LYS A 323 -14.39 2.78 7.42
C LYS A 323 -13.65 3.26 8.65
N MET A 324 -12.57 2.58 9.00
CA MET A 324 -11.71 3.01 10.11
C MET A 324 -10.60 3.91 9.56
N LEU A 325 -10.48 5.12 10.12
CA LEU A 325 -9.57 6.12 9.58
C LEU A 325 -8.61 6.64 10.64
N ARG A 326 -7.54 7.26 10.17
CA ARG A 326 -6.60 7.88 11.08
C ARG A 326 -6.06 9.18 10.49
N ILE A 327 -5.56 10.07 11.35
CA ILE A 327 -4.92 11.30 10.89
C ILE A 327 -3.55 10.99 10.31
N VAL A 328 -3.22 11.53 9.15
CA VAL A 328 -1.92 11.26 8.51
C VAL A 328 -1.25 12.56 8.07
N GLY A 329 -0.10 12.42 7.40
CA GLY A 329 0.74 13.56 7.09
C GLY A 329 0.46 14.22 5.76
N GLY A 330 1.44 14.96 5.26
CA GLY A 330 1.30 15.76 4.05
C GLY A 330 1.61 15.04 2.75
N ALA A 331 1.52 15.77 1.63
CA ALA A 331 1.75 15.20 0.31
C ALA A 331 3.25 14.93 0.11
N TRP A 332 3.59 13.91 -0.68
CA TRP A 332 4.98 13.57 -0.94
C TRP A 332 5.15 13.05 -2.37
N HIS A 333 6.40 12.91 -2.82
CA HIS A 333 6.68 12.47 -4.18
C HIS A 333 7.73 11.38 -4.19
N ARG A 334 7.75 10.57 -5.25
CA ARG A 334 8.84 9.64 -5.49
C ARG A 334 9.93 10.36 -6.30
N ARG A 335 11.11 9.75 -6.39
CA ARG A 335 12.19 10.31 -7.21
C ARG A 335 11.76 10.32 -8.67
N PRO A 336 12.05 11.42 -9.38
CA PRO A 336 11.76 11.48 -10.81
C PRO A 336 12.50 10.39 -11.57
N GLU A 337 11.89 9.92 -12.65
CA GLU A 337 12.43 8.86 -13.48
C GLU A 337 12.66 9.39 -14.90
N GLY B 18 -2.96 0.70 -34.08
CA GLY B 18 -1.80 1.23 -33.38
C GLY B 18 -2.21 1.91 -32.09
N SER B 19 -1.23 2.25 -31.25
CA SER B 19 -1.47 3.00 -30.01
C SER B 19 -0.15 3.42 -29.38
N MET B 20 -0.16 3.77 -28.09
CA MET B 20 0.98 4.42 -27.44
C MET B 20 2.23 3.52 -27.24
N THR B 21 3.41 4.12 -27.42
CA THR B 21 4.71 3.49 -27.15
C THR B 21 5.26 3.95 -25.78
N TYR B 22 5.94 3.06 -25.06
CA TYR B 22 6.25 3.30 -23.67
C TYR B 22 7.75 3.38 -23.39
N ARG B 23 8.08 3.79 -22.15
CA ARG B 23 9.46 3.90 -21.73
C ARG B 23 9.77 3.13 -20.44
N SER B 24 8.73 2.68 -19.73
CA SER B 24 8.92 2.07 -18.40
C SER B 24 7.72 1.24 -17.92
N ILE B 25 7.99 0.28 -17.04
CA ILE B 25 6.93 -0.42 -16.32
C ILE B 25 7.39 -0.80 -14.92
N GLY B 26 6.49 -0.70 -13.94
CA GLY B 26 6.76 -1.09 -12.57
C GLY B 26 5.95 -2.32 -12.17
N SER B 27 6.52 -3.16 -11.32
CA SER B 27 5.84 -4.37 -10.89
C SER B 27 6.18 -4.68 -9.44
N THR B 28 5.40 -5.60 -8.86
CA THR B 28 5.51 -5.95 -7.45
C THR B 28 5.30 -7.44 -7.29
N ALA B 29 6.10 -8.08 -6.44
CA ALA B 29 5.89 -9.48 -6.07
C ALA B 29 6.20 -9.67 -4.59
N TYR B 30 5.67 -10.75 -4.02
CA TYR B 30 5.80 -10.98 -2.60
C TYR B 30 6.75 -12.17 -2.33
N PRO B 31 7.45 -12.14 -1.19
CA PRO B 31 8.41 -13.21 -0.92
C PRO B 31 7.67 -14.49 -0.56
N THR B 32 8.39 -15.59 -0.49
CA THR B 32 7.74 -16.89 -0.36
C THR B 32 8.38 -17.75 0.72
N ILE B 33 7.59 -18.67 1.27
CA ILE B 33 8.02 -19.66 2.25
C ILE B 33 7.73 -21.06 1.69
N GLY B 34 8.67 -22.00 1.81
CA GLY B 34 8.43 -23.35 1.33
C GLY B 34 7.46 -24.07 2.24
N VAL B 35 6.56 -24.89 1.68
CA VAL B 35 5.74 -25.76 2.53
C VAL B 35 6.04 -27.23 2.21
N VAL B 36 6.40 -27.53 0.95
CA VAL B 36 7.15 -28.74 0.67
C VAL B 36 8.48 -28.26 0.16
N LEU B 37 9.54 -28.58 0.92
CA LEU B 37 10.80 -27.87 0.78
C LEU B 37 11.69 -28.41 -0.33
N LEU B 38 12.17 -27.52 -1.19
CA LEU B 38 12.93 -27.90 -2.38
C LEU B 38 14.44 -28.04 -2.12
N GLY B 39 15.00 -29.15 -2.58
CA GLY B 39 16.44 -29.34 -2.48
C GLY B 39 16.97 -30.07 -3.70
N GLY B 40 17.76 -29.36 -4.50
CA GLY B 40 18.36 -29.92 -5.70
C GLY B 40 17.79 -29.34 -6.97
N ILE B 41 18.66 -28.92 -7.86
CA ILE B 41 18.27 -28.35 -9.15
C ILE B 41 19.01 -29.06 -10.28
N ALA B 42 18.45 -29.05 -11.48
CA ALA B 42 19.01 -29.80 -12.59
C ALA B 42 20.43 -29.33 -12.95
N ASN B 43 20.61 -28.01 -13.03
CA ASN B 43 21.92 -27.42 -13.28
C ASN B 43 21.88 -25.94 -12.87
N PRO B 44 23.05 -25.34 -12.60
CA PRO B 44 23.07 -23.95 -12.10
C PRO B 44 22.59 -22.91 -13.11
N VAL B 45 22.34 -23.31 -14.36
CA VAL B 45 21.93 -22.37 -15.39
C VAL B 45 20.40 -22.24 -15.55
N THR B 46 19.72 -23.37 -15.78
CA THR B 46 18.26 -23.36 -15.84
C THR B 46 17.66 -23.42 -14.43
N ARG B 47 18.40 -24.05 -13.52
CA ARG B 47 17.95 -24.22 -12.15
C ARG B 47 16.56 -24.85 -12.05
N THR B 48 16.30 -25.85 -12.87
CA THR B 48 15.02 -26.55 -12.78
C THR B 48 15.03 -27.41 -11.52
N PRO B 49 14.00 -27.23 -10.67
CA PRO B 49 13.81 -28.07 -9.49
C PRO B 49 13.91 -29.55 -9.84
N LEU B 50 14.70 -30.29 -9.06
CA LEU B 50 14.85 -31.72 -9.33
C LEU B 50 13.61 -32.49 -8.93
N HIS B 51 12.82 -31.91 -8.05
CA HIS B 51 11.62 -32.60 -7.59
C HIS B 51 10.47 -31.67 -7.24
N THR B 52 9.31 -32.25 -6.98
CA THR B 52 8.12 -31.50 -6.71
C THR B 52 8.25 -30.76 -5.39
N SER B 53 7.82 -29.50 -5.38
CA SER B 53 7.83 -28.71 -4.14
C SER B 53 6.53 -27.90 -4.04
N ALA B 54 6.33 -27.26 -2.89
CA ALA B 54 5.18 -26.35 -2.71
C ALA B 54 5.55 -25.12 -1.88
N GLY B 55 4.74 -24.08 -1.93
CA GLY B 55 5.03 -22.89 -1.14
C GLY B 55 3.89 -21.92 -1.03
N ILE B 56 4.13 -20.85 -0.27
CA ILE B 56 3.15 -19.79 -0.05
C ILE B 56 3.82 -18.44 -0.21
N ALA B 57 3.12 -17.45 -0.77
CA ALA B 57 3.62 -16.07 -0.75
C ALA B 57 3.10 -15.38 0.50
N TYR B 58 3.92 -14.53 1.10
CA TYR B 58 3.56 -13.79 2.31
C TYR B 58 3.89 -12.30 2.23
N SER B 59 3.30 -11.54 3.15
CA SER B 59 3.66 -10.14 3.35
C SER B 59 3.10 -9.79 4.72
N ASP B 60 2.97 -8.50 5.02
CA ASP B 60 2.26 -8.11 6.24
C ASP B 60 0.84 -7.68 5.86
N SER B 61 0.08 -7.20 6.85
CA SER B 61 -1.31 -6.82 6.63
C SER B 61 -1.47 -5.64 5.64
N CYS B 62 -0.41 -4.85 5.42
CA CYS B 62 -0.49 -3.70 4.53
CA CYS B 62 -0.49 -3.70 4.53
C CYS B 62 0.15 -3.96 3.17
N GLY B 63 0.72 -5.15 3.00
CA GLY B 63 1.38 -5.50 1.75
C GLY B 63 2.69 -4.73 1.58
N SER B 64 3.25 -4.26 2.68
CA SER B 64 4.47 -3.46 2.61
C SER B 64 5.73 -4.29 2.48
N ILE B 65 5.65 -5.56 2.87
CA ILE B 65 6.78 -6.48 2.70
C ILE B 65 6.71 -7.01 1.28
N ARG B 66 7.69 -6.66 0.46
CA ARG B 66 7.53 -6.82 -0.99
C ARG B 66 8.81 -6.60 -1.76
N SER B 67 8.79 -7.02 -3.01
CA SER B 67 9.84 -6.71 -3.94
C SER B 67 9.27 -5.87 -5.09
N GLU B 68 9.84 -4.69 -5.31
CA GLU B 68 9.42 -3.80 -6.38
C GLU B 68 10.44 -3.76 -7.49
N THR B 69 9.94 -3.75 -8.71
CA THR B 69 10.78 -3.78 -9.90
C THR B 69 10.37 -2.66 -10.83
N ARG B 70 11.37 -2.02 -11.44
CA ARG B 70 11.12 -1.18 -12.58
C ARG B 70 12.07 -1.60 -13.69
N ILE B 71 11.51 -1.77 -14.88
CA ILE B 71 12.28 -2.08 -16.06
C ILE B 71 11.97 -1.00 -17.08
N TYR B 72 13.00 -0.42 -17.67
CA TYR B 72 12.80 0.79 -18.47
C TYR B 72 13.83 0.95 -19.58
N ALA B 73 13.42 1.54 -20.70
CA ALA B 73 14.34 1.87 -21.78
C ALA B 73 15.52 2.70 -21.28
N ASP B 74 16.73 2.34 -21.68
CA ASP B 74 17.95 3.00 -21.23
C ASP B 74 19.00 3.01 -22.35
N GLU B 75 19.96 3.92 -22.29
CA GLU B 75 21.01 3.99 -23.30
C GLU B 75 21.96 2.79 -23.19
N ALA B 76 22.13 2.30 -21.97
CA ALA B 76 22.93 1.12 -21.72
C ALA B 76 22.25 0.35 -20.60
N THR B 77 22.46 -0.95 -20.54
CA THR B 77 21.84 -1.75 -19.49
C THR B 77 22.52 -1.55 -18.15
N HIS B 78 21.78 -1.04 -17.17
CA HIS B 78 22.27 -0.97 -15.80
C HIS B 78 21.36 -1.79 -14.87
N ILE B 79 21.98 -2.41 -13.87
CA ILE B 79 21.27 -3.21 -12.90
C ILE B 79 21.48 -2.69 -11.48
N TYR B 80 20.39 -2.36 -10.80
CA TYR B 80 20.42 -1.79 -9.44
C TYR B 80 19.68 -2.65 -8.43
N PHE B 81 20.26 -2.78 -7.24
CA PHE B 81 19.58 -3.41 -6.10
C PHE B 81 19.58 -2.45 -4.93
N ASN B 82 18.38 -2.14 -4.44
CA ASN B 82 18.18 -1.21 -3.33
C ASN B 82 18.95 0.10 -3.50
N GLY B 83 18.89 0.65 -4.70
CA GLY B 83 19.48 1.96 -5.00
C GLY B 83 20.95 1.96 -5.39
N THR B 84 21.58 0.80 -5.44
CA THR B 84 23.02 0.70 -5.73
C THR B 84 23.25 -0.14 -6.97
N GLU B 85 23.98 0.41 -7.93
CA GLU B 85 24.23 -0.33 -9.16
C GLU B 85 25.10 -1.53 -8.83
N SER B 86 24.78 -2.66 -9.44
CA SER B 86 25.41 -3.92 -9.08
C SER B 86 26.81 -4.09 -9.65
N THR B 87 27.74 -4.41 -8.75
CA THR B 87 29.10 -4.78 -9.10
C THR B 87 29.15 -6.04 -9.99
N ASP B 88 28.48 -7.09 -9.51
CA ASP B 88 28.55 -8.43 -10.10
C ASP B 88 28.11 -8.54 -11.56
N ASP B 89 28.21 -9.75 -12.12
CA ASP B 89 27.94 -9.95 -13.54
C ASP B 89 26.44 -10.00 -13.84
N ASN B 90 25.65 -10.53 -12.91
CA ASN B 90 24.20 -10.65 -13.07
C ASN B 90 23.80 -11.32 -14.38
N ARG B 91 24.48 -12.42 -14.70
CA ARG B 91 24.28 -13.13 -15.95
C ARG B 91 22.84 -13.63 -16.12
N SER B 92 22.25 -14.16 -15.05
CA SER B 92 20.91 -14.75 -15.15
C SER B 92 19.83 -13.68 -15.43
N VAL B 93 19.89 -12.55 -14.72
CA VAL B 93 18.99 -11.44 -15.02
C VAL B 93 19.18 -10.97 -16.47
N ARG B 94 20.43 -10.81 -16.89
CA ARG B 94 20.73 -10.39 -18.26
C ARG B 94 20.21 -11.39 -19.28
N ARG B 95 20.39 -12.68 -18.97
CA ARG B 95 19.88 -13.74 -19.83
C ARG B 95 18.39 -13.57 -20.06
N VAL B 96 17.65 -13.36 -18.98
CA VAL B 96 16.21 -13.14 -19.07
C VAL B 96 15.85 -11.87 -19.85
N LEU B 97 16.61 -10.80 -19.64
CA LEU B 97 16.32 -9.54 -20.35
C LEU B 97 16.52 -9.69 -21.86
N ASP B 98 17.55 -10.43 -22.27
CA ASP B 98 17.80 -10.71 -23.68
C ASP B 98 16.73 -11.59 -24.32
N ARG B 99 16.32 -12.64 -23.60
CA ARG B 99 15.36 -13.59 -24.13
C ARG B 99 14.06 -12.91 -24.46
N TYR B 100 13.75 -11.82 -23.75
CA TYR B 100 12.52 -11.09 -24.04
C TYR B 100 12.80 -9.74 -24.71
N SER B 101 13.95 -9.63 -25.38
CA SER B 101 14.33 -8.40 -26.09
C SER B 101 13.27 -7.95 -27.08
N SER B 102 12.57 -8.90 -27.67
CA SER B 102 11.55 -8.56 -28.65
C SER B 102 10.35 -7.93 -27.99
N VAL B 103 10.11 -8.26 -26.72
CA VAL B 103 9.02 -7.62 -25.96
C VAL B 103 9.37 -6.16 -25.71
N PHE B 104 10.62 -5.91 -25.31
CA PHE B 104 11.08 -4.54 -25.09
C PHE B 104 11.11 -3.75 -26.39
N GLU B 105 11.49 -4.43 -27.48
CA GLU B 105 11.50 -3.84 -28.81
C GLU B 105 10.11 -3.31 -29.16
N GLU B 106 9.11 -4.18 -29.11
CA GLU B 106 7.72 -3.78 -29.37
C GLU B 106 7.22 -2.69 -28.45
N ALA B 107 7.45 -2.83 -27.14
CA ALA B 107 6.82 -1.92 -26.18
C ALA B 107 7.56 -0.61 -26.01
N PHE B 108 8.89 -0.64 -26.14
CA PHE B 108 9.71 0.53 -25.82
C PHE B 108 10.43 1.12 -27.03
N GLY B 109 10.55 0.34 -28.10
CA GLY B 109 11.24 0.81 -29.29
C GLY B 109 12.73 0.55 -29.22
N THR B 110 13.16 -0.17 -28.19
CA THR B 110 14.57 -0.57 -28.08
C THR B 110 14.65 -1.89 -27.34
N LYS B 111 15.75 -2.61 -27.56
CA LYS B 111 16.02 -3.83 -26.80
C LYS B 111 16.83 -3.54 -25.53
N THR B 112 17.40 -2.34 -25.45
CA THR B 112 18.25 -1.99 -24.31
C THR B 112 17.43 -1.47 -23.14
N VAL B 113 17.38 -2.23 -22.05
CA VAL B 113 16.64 -1.79 -20.87
C VAL B 113 17.49 -1.90 -19.61
N SER B 114 17.09 -1.16 -18.60
CA SER B 114 17.76 -1.26 -17.31
C SER B 114 16.77 -1.86 -16.33
N TYR B 115 17.30 -2.34 -15.21
CA TYR B 115 16.48 -3.05 -14.25
C TYR B 115 16.78 -2.52 -12.86
N SER B 116 15.75 -2.03 -12.18
CA SER B 116 15.90 -1.54 -10.81
C SER B 116 15.04 -2.34 -9.84
N SER B 117 15.68 -2.94 -8.84
CA SER B 117 15.00 -3.73 -7.82
C SER B 117 15.10 -3.11 -6.43
N GLN B 118 13.98 -3.01 -5.73
CA GLN B 118 13.96 -2.54 -4.33
C GLN B 118 13.18 -3.52 -3.45
N ASN B 119 13.83 -4.01 -2.40
CA ASN B 119 13.24 -4.95 -1.45
C ASN B 119 12.87 -4.26 -0.14
N PHE B 120 11.71 -4.61 0.41
CA PHE B 120 11.20 -4.00 1.63
C PHE B 120 10.81 -5.07 2.64
N GLY B 121 11.48 -5.08 3.78
CA GLY B 121 11.08 -5.91 4.92
C GLY B 121 11.08 -7.42 4.74
N ILE B 122 11.77 -7.92 3.72
CA ILE B 122 11.72 -9.36 3.41
C ILE B 122 12.64 -10.19 4.32
N LEU B 123 12.14 -11.32 4.82
CA LEU B 123 12.98 -12.25 5.58
C LEU B 123 13.64 -13.18 4.57
N SER B 124 13.03 -14.34 4.30
CA SER B 124 13.51 -15.17 3.20
C SER B 124 12.50 -15.19 2.05
N GLY B 125 12.93 -15.69 0.90
CA GLY B 125 12.09 -15.71 -0.28
C GLY B 125 12.33 -14.48 -1.16
N SER B 126 13.42 -13.80 -0.86
CA SER B 126 13.77 -12.58 -1.55
C SER B 126 14.05 -12.83 -3.03
N SER B 127 14.85 -13.85 -3.34
CA SER B 127 15.19 -14.14 -4.74
C SER B 127 13.95 -14.47 -5.57
N ASP B 128 13.05 -15.27 -5.01
CA ASP B 128 11.86 -15.68 -5.76
C ASP B 128 11.02 -14.44 -6.08
N ALA B 129 10.82 -13.58 -5.09
CA ALA B 129 10.08 -12.35 -5.28
C ALA B 129 10.71 -11.48 -6.38
N GLY B 130 12.03 -11.38 -6.36
CA GLY B 130 12.74 -10.58 -7.35
C GLY B 130 12.50 -11.16 -8.74
N ALA B 131 12.65 -12.47 -8.86
CA ALA B 131 12.42 -13.17 -10.11
C ALA B 131 10.98 -13.01 -10.59
N ALA B 132 10.02 -13.20 -9.69
CA ALA B 132 8.61 -13.05 -10.07
C ALA B 132 8.24 -11.64 -10.47
N SER B 133 8.79 -10.62 -9.81
CA SER B 133 8.42 -9.26 -10.21
C SER B 133 8.99 -8.92 -11.60
N ILE B 134 10.15 -9.45 -11.94
CA ILE B 134 10.66 -9.34 -13.30
C ILE B 134 9.66 -9.95 -14.28
N GLY B 135 9.13 -11.11 -13.94
CA GLY B 135 8.12 -11.77 -14.73
C GLY B 135 6.85 -10.97 -14.89
N ALA B 136 6.37 -10.33 -13.82
CA ALA B 136 5.14 -9.53 -13.91
C ALA B 136 5.35 -8.30 -14.78
N ALA B 137 6.57 -7.77 -14.78
CA ALA B 137 6.90 -6.58 -15.58
C ALA B 137 6.85 -6.95 -17.06
N ILE B 138 7.44 -8.10 -17.39
CA ILE B 138 7.45 -8.58 -18.76
C ILE B 138 6.03 -8.90 -19.24
N LEU B 139 5.28 -9.59 -18.38
CA LEU B 139 3.87 -9.88 -18.66
C LEU B 139 3.04 -8.60 -18.87
N GLY B 140 3.41 -7.53 -18.19
CA GLY B 140 2.67 -6.28 -18.32
C GLY B 140 2.92 -5.58 -19.64
N LEU B 141 4.10 -5.79 -20.22
CA LEU B 141 4.45 -5.23 -21.51
C LEU B 141 3.82 -6.02 -22.66
N LYS B 142 3.67 -7.33 -22.50
CA LYS B 142 3.06 -8.17 -23.53
C LYS B 142 2.06 -9.16 -22.90
N PRO B 143 0.83 -8.67 -22.64
CA PRO B 143 -0.19 -9.30 -21.79
C PRO B 143 -0.75 -10.61 -22.33
N ASP B 144 -0.42 -10.98 -23.57
CA ASP B 144 -0.92 -12.23 -24.12
C ASP B 144 0.13 -13.33 -23.97
N LEU B 145 1.26 -13.00 -23.35
CA LEU B 145 2.23 -14.02 -22.94
C LEU B 145 1.61 -14.95 -21.89
N ASP B 146 2.04 -16.21 -21.91
CA ASP B 146 1.63 -17.22 -20.93
C ASP B 146 2.53 -17.13 -19.69
N PRO B 147 1.96 -16.79 -18.53
CA PRO B 147 2.76 -16.66 -17.29
C PRO B 147 3.53 -17.93 -16.98
N HIS B 148 3.00 -19.09 -17.38
CA HIS B 148 3.67 -20.36 -17.18
C HIS B 148 4.88 -20.51 -18.10
N ASP B 149 4.83 -19.89 -19.27
CA ASP B 149 6.01 -19.88 -20.16
C ASP B 149 7.09 -18.94 -19.64
N VAL B 150 6.67 -17.77 -19.19
CA VAL B 150 7.61 -16.82 -18.61
C VAL B 150 8.31 -17.46 -17.39
N GLU B 151 7.57 -18.19 -16.57
CA GLU B 151 8.14 -18.79 -15.36
C GLU B 151 9.33 -19.69 -15.67
N ASN B 152 9.28 -20.44 -16.77
CA ASN B 152 10.41 -21.31 -17.11
C ASN B 152 11.71 -20.51 -17.22
N ASP B 153 11.58 -19.34 -17.80
CA ASP B 153 12.73 -18.44 -17.96
C ASP B 153 13.15 -17.83 -16.62
N LEU B 154 12.19 -17.53 -15.75
CA LEU B 154 12.52 -16.88 -14.47
C LEU B 154 13.32 -17.76 -13.50
N ARG B 155 13.19 -19.09 -13.60
CA ARG B 155 13.87 -19.99 -12.66
C ARG B 155 15.40 -19.85 -12.67
N ALA B 156 15.95 -19.51 -13.84
CA ALA B 156 17.37 -19.18 -13.96
C ALA B 156 17.79 -18.11 -12.95
N VAL B 157 16.87 -17.21 -12.62
CA VAL B 157 17.14 -16.18 -11.61
C VAL B 157 16.82 -16.70 -10.22
N SER B 158 15.71 -17.41 -10.08
CA SER B 158 15.41 -18.04 -8.80
C SER B 158 14.49 -19.23 -9.01
N GLU B 159 14.97 -20.39 -8.57
CA GLU B 159 14.32 -21.67 -8.90
C GLU B 159 12.87 -21.79 -8.43
N SER B 160 12.50 -21.03 -7.41
CA SER B 160 11.12 -21.11 -6.90
C SER B 160 10.28 -19.89 -7.28
N ALA B 161 10.63 -19.22 -8.38
CA ALA B 161 9.94 -18.03 -8.82
C ALA B 161 8.43 -18.24 -8.94
N GLY B 162 8.04 -19.45 -9.34
CA GLY B 162 6.62 -19.76 -9.50
C GLY B 162 5.78 -19.48 -8.26
N ARG B 163 6.34 -19.72 -7.08
CA ARG B 163 5.60 -19.47 -5.84
C ARG B 163 5.14 -18.02 -5.74
N SER B 164 6.05 -17.10 -6.05
CA SER B 164 5.74 -15.68 -5.94
C SER B 164 4.94 -15.22 -7.15
N LEU B 165 5.26 -15.77 -8.32
CA LEU B 165 4.58 -15.36 -9.54
C LEU B 165 3.08 -15.57 -9.43
N PHE B 166 2.68 -16.73 -8.92
CA PHE B 166 1.24 -17.03 -8.84
C PHE B 166 0.66 -16.75 -7.46
N GLY B 167 1.47 -16.82 -6.40
CA GLY B 167 1.01 -16.39 -5.09
C GLY B 167 0.06 -17.40 -4.47
N GLY B 168 -0.48 -17.08 -3.29
CA GLY B 168 -1.30 -18.01 -2.55
C GLY B 168 -0.50 -19.27 -2.21
N LEU B 169 -1.19 -20.41 -2.15
CA LEU B 169 -0.55 -21.72 -1.99
C LEU B 169 -0.33 -22.34 -3.35
N THR B 170 0.92 -22.66 -3.68
CA THR B 170 1.19 -23.30 -4.96
C THR B 170 1.90 -24.63 -4.81
N ILE B 171 1.79 -25.44 -5.84
CA ILE B 171 2.62 -26.62 -5.98
C ILE B 171 3.34 -26.49 -7.30
N THR B 172 4.66 -26.72 -7.30
CA THR B 172 5.42 -26.76 -8.54
C THR B 172 5.83 -28.20 -8.80
N TRP B 173 5.08 -28.88 -9.69
CA TRP B 173 5.39 -30.24 -10.09
C TRP B 173 6.66 -30.22 -10.92
N SER B 174 7.55 -31.17 -10.71
CA SER B 174 8.73 -31.27 -11.53
C SER B 174 9.21 -32.72 -11.66
N ASP B 175 9.66 -33.11 -12.86
CA ASP B 175 10.32 -34.41 -13.04
C ASP B 175 11.84 -34.25 -13.10
N GLY B 176 12.32 -33.02 -12.99
CA GLY B 176 13.74 -32.77 -13.10
C GLY B 176 14.06 -32.08 -14.42
N PHE B 177 13.16 -32.16 -15.40
CA PHE B 177 13.32 -31.36 -16.61
C PHE B 177 12.13 -30.45 -16.86
N HIS B 178 10.92 -30.99 -16.75
CA HIS B 178 9.74 -30.16 -16.88
C HIS B 178 9.26 -29.77 -15.49
N ALA B 179 9.05 -28.48 -15.27
CA ALA B 179 8.41 -28.02 -14.04
C ALA B 179 7.22 -27.13 -14.36
N TYR B 180 6.16 -27.26 -13.56
CA TYR B 180 4.95 -26.48 -13.79
C TYR B 180 4.30 -26.11 -12.46
N THR B 181 3.89 -24.84 -12.32
CA THR B 181 3.31 -24.40 -11.06
C THR B 181 1.81 -24.35 -11.20
N GLU B 182 1.13 -24.94 -10.22
CA GLU B 182 -0.32 -24.96 -10.17
C GLU B 182 -0.81 -24.21 -8.93
N LYS B 183 -1.78 -23.33 -9.12
CA LYS B 183 -2.44 -22.66 -8.00
C LYS B 183 -3.34 -23.64 -7.27
N ILE B 184 -3.19 -23.72 -5.96
CA ILE B 184 -3.90 -24.72 -5.16
C ILE B 184 -4.92 -24.06 -4.25
N LEU B 185 -4.51 -23.03 -3.53
CA LEU B 185 -5.44 -22.27 -2.70
C LEU B 185 -5.16 -20.78 -2.83
N ASP B 186 -6.24 -20.00 -2.87
CA ASP B 186 -6.19 -18.53 -2.86
C ASP B 186 -5.78 -18.01 -1.50
N PRO B 187 -5.26 -16.76 -1.45
CA PRO B 187 -4.91 -16.15 -0.17
C PRO B 187 -6.11 -16.04 0.78
N GLU B 188 -7.31 -16.01 0.21
CA GLU B 188 -8.53 -15.85 0.99
C GLU B 188 -8.79 -17.07 1.88
N ALA B 189 -8.41 -18.25 1.39
CA ALA B 189 -8.64 -19.48 2.14
C ALA B 189 -7.78 -19.52 3.41
N PHE B 190 -6.84 -18.58 3.51
CA PHE B 190 -5.98 -18.48 4.70
C PHE B 190 -6.36 -17.33 5.63
N SER B 191 -7.49 -16.66 5.37
CA SER B 191 -7.83 -15.44 6.10
C SER B 191 -7.89 -15.64 7.62
N GLY B 192 -8.32 -16.81 8.06
CA GLY B 192 -8.35 -17.09 9.48
C GLY B 192 -7.00 -17.43 10.09
N TYR B 193 -5.91 -17.23 9.34
CA TYR B 193 -4.59 -17.64 9.85
C TYR B 193 -3.51 -16.57 9.71
N SER B 194 -2.53 -16.61 10.60
CA SER B 194 -1.40 -15.71 10.55
C SER B 194 -0.13 -16.52 10.65
N ILE B 195 0.98 -15.89 10.30
CA ILE B 195 2.29 -16.46 10.55
C ILE B 195 3.12 -15.49 11.37
N VAL B 196 3.64 -15.95 12.51
CA VAL B 196 4.58 -15.13 13.24
C VAL B 196 5.97 -15.62 12.92
N ALA B 197 6.79 -14.74 12.35
CA ALA B 197 8.16 -15.10 11.98
C ALA B 197 9.13 -14.69 13.07
N PHE B 198 10.06 -15.58 13.40
CA PHE B 198 11.13 -15.26 14.32
C PHE B 198 12.44 -15.29 13.54
N ALA B 199 13.06 -14.11 13.41
CA ALA B 199 14.28 -13.96 12.64
C ALA B 199 15.50 -13.98 13.55
N PHE B 200 16.46 -14.86 13.23
CA PHE B 200 17.69 -15.02 14.01
C PHE B 200 18.90 -14.50 13.23
N ASP B 201 20.01 -14.25 13.92
CA ASP B 201 21.15 -13.56 13.33
C ASP B 201 22.25 -14.46 12.75
N TYR B 202 22.03 -15.77 12.77
CA TYR B 202 23.01 -16.72 12.20
C TYR B 202 23.23 -16.53 10.70
N GLN B 203 24.46 -16.72 10.26
CA GLN B 203 24.75 -16.58 8.82
C GLN B 203 24.07 -17.70 8.02
N ARG B 204 23.42 -17.31 6.92
CA ARG B 204 22.63 -18.22 6.10
C ARG B 204 23.53 -19.10 5.22
N ASN B 205 23.19 -20.38 5.08
CA ASN B 205 23.76 -21.20 4.02
C ASN B 205 23.14 -20.77 2.68
N PRO B 206 23.97 -20.44 1.69
CA PRO B 206 23.44 -20.08 0.37
C PRO B 206 22.64 -21.24 -0.24
N SER B 207 21.69 -20.96 -1.13
CA SER B 207 20.85 -22.02 -1.67
C SER B 207 21.70 -23.03 -2.44
N ASP B 208 22.70 -22.54 -3.18
CA ASP B 208 23.58 -23.43 -3.94
C ASP B 208 24.29 -24.45 -3.03
N VAL B 209 24.53 -24.09 -1.78
CA VAL B 209 25.12 -25.02 -0.81
C VAL B 209 24.14 -26.15 -0.48
N ILE B 210 22.87 -25.80 -0.36
CA ILE B 210 21.85 -26.80 -0.08
C ILE B 210 21.70 -27.70 -1.30
N HIS B 211 21.58 -27.11 -2.49
CA HIS B 211 21.41 -27.89 -3.71
C HIS B 211 22.57 -28.84 -4.03
N GLN B 212 23.80 -28.37 -3.87
CA GLN B 212 24.99 -29.19 -4.14
C GLN B 212 25.14 -30.36 -3.19
N ASN B 213 24.81 -30.16 -1.91
CA ASN B 213 25.03 -31.19 -0.90
C ASN B 213 23.89 -32.19 -0.74
N ILE B 214 22.65 -31.72 -0.79
CA ILE B 214 21.54 -32.62 -0.52
C ILE B 214 21.45 -33.74 -1.56
N VAL B 215 21.86 -33.47 -2.80
CA VAL B 215 21.69 -34.46 -3.87
C VAL B 215 22.59 -35.68 -3.68
N ARG B 216 23.61 -35.55 -2.82
CA ARG B 216 24.56 -36.63 -2.64
C ARG B 216 24.18 -37.50 -1.43
N SER B 217 23.15 -37.09 -0.70
CA SER B 217 22.60 -37.95 0.35
C SER B 217 21.99 -39.18 -0.29
N ASP B 218 22.15 -40.35 0.32
CA ASP B 218 21.56 -41.53 -0.27
C ASP B 218 20.08 -41.62 0.11
N LEU B 219 19.64 -40.72 0.99
CA LEU B 219 18.23 -40.59 1.33
C LEU B 219 17.49 -39.79 0.27
N TYR B 220 18.22 -39.22 -0.68
CA TYR B 220 17.66 -38.22 -1.57
C TYR B 220 16.71 -38.76 -2.64
N PRO B 221 17.02 -39.93 -3.25
CA PRO B 221 16.00 -40.47 -4.16
C PRO B 221 14.66 -40.68 -3.44
N ALA B 222 14.71 -41.17 -2.21
CA ALA B 222 13.49 -41.34 -1.42
C ALA B 222 12.87 -39.99 -1.04
N ARG B 223 13.71 -38.98 -0.85
CA ARG B 223 13.22 -37.65 -0.48
C ARG B 223 12.39 -37.07 -1.61
N LYS B 224 12.89 -37.20 -2.84
CA LYS B 224 12.20 -36.71 -4.03
C LYS B 224 10.81 -37.30 -4.18
N LYS B 225 10.65 -38.56 -3.74
CA LYS B 225 9.35 -39.23 -3.78
C LYS B 225 8.45 -38.76 -2.65
N HIS B 226 8.99 -38.68 -1.43
CA HIS B 226 8.23 -38.16 -0.29
C HIS B 226 7.69 -36.75 -0.54
N ALA B 227 8.53 -35.90 -1.12
CA ALA B 227 8.13 -34.54 -1.47
C ALA B 227 6.90 -34.56 -2.40
N ASP B 228 6.97 -35.37 -3.46
CA ASP B 228 5.83 -35.47 -4.38
C ASP B 228 4.59 -35.99 -3.65
N GLU B 229 4.79 -36.95 -2.75
CA GLU B 229 3.69 -37.49 -1.94
C GLU B 229 3.06 -36.42 -1.06
N HIS B 230 3.90 -35.69 -0.33
CA HIS B 230 3.42 -34.56 0.47
C HIS B 230 2.64 -33.55 -0.37
N ALA B 231 3.13 -33.23 -1.57
CA ALA B 231 2.42 -32.29 -2.42
C ALA B 231 1.02 -32.80 -2.74
N HIS B 232 0.89 -34.10 -3.05
CA HIS B 232 -0.42 -34.66 -3.36
C HIS B 232 -1.32 -34.60 -2.14
N MET B 233 -0.76 -34.84 -0.96
CA MET B 233 -1.57 -34.73 0.26
C MET B 233 -2.01 -33.28 0.50
N ILE B 234 -1.11 -32.33 0.28
CA ILE B 234 -1.49 -30.92 0.43
C ILE B 234 -2.68 -30.61 -0.49
N LYS B 235 -2.58 -31.07 -1.73
CA LYS B 235 -3.66 -30.93 -2.68
C LYS B 235 -4.97 -31.58 -2.21
N GLU B 236 -4.87 -32.71 -1.51
CA GLU B 236 -6.05 -33.36 -0.94
C GLU B 236 -6.66 -32.53 0.19
N TYR B 237 -5.79 -31.99 1.05
CA TYR B 237 -6.22 -31.15 2.16
C TYR B 237 -6.92 -29.89 1.68
N ALA B 238 -6.43 -29.34 0.58
CA ALA B 238 -6.97 -28.11 0.03
C ALA B 238 -8.42 -28.28 -0.42
N LYS B 239 -8.79 -29.48 -0.85
CA LYS B 239 -10.18 -29.75 -1.29
C LYS B 239 -11.21 -29.40 -0.22
N THR B 240 -10.81 -29.44 1.05
CA THR B 240 -11.74 -29.07 2.11
C THR B 240 -11.22 -27.88 2.93
N ASN B 241 -10.28 -27.14 2.36
CA ASN B 241 -9.64 -26.02 3.06
C ASN B 241 -9.09 -26.39 4.42
N ASP B 242 -8.43 -27.54 4.49
CA ASP B 242 -7.83 -27.96 5.73
C ASP B 242 -6.48 -27.29 5.93
N ILE B 243 -6.52 -26.05 6.37
CA ILE B 243 -5.32 -25.24 6.53
C ILE B 243 -4.38 -25.81 7.59
N LYS B 244 -4.94 -26.21 8.72
CA LYS B 244 -4.11 -26.81 9.78
C LYS B 244 -3.42 -28.11 9.32
N GLY B 245 -4.11 -28.92 8.53
CA GLY B 245 -3.51 -30.16 8.06
C GLY B 245 -2.35 -29.84 7.13
N ILE B 246 -2.51 -28.79 6.34
CA ILE B 246 -1.48 -28.36 5.40
C ILE B 246 -0.25 -27.88 6.18
N PHE B 247 -0.45 -27.03 7.18
CA PHE B 247 0.68 -26.54 7.97
C PHE B 247 1.30 -27.61 8.86
N ASP B 248 0.49 -28.56 9.35
CA ASP B 248 1.04 -29.71 10.06
C ASP B 248 1.97 -30.47 9.13
N LEU B 249 1.53 -30.70 7.90
CA LEU B 249 2.36 -31.42 6.93
C LEU B 249 3.64 -30.65 6.62
N ALA B 250 3.53 -29.33 6.45
CA ALA B 250 4.70 -28.50 6.19
C ALA B 250 5.72 -28.65 7.32
N GLN B 251 5.25 -28.68 8.56
CA GLN B 251 6.16 -28.86 9.69
C GLN B 251 6.86 -30.23 9.62
N GLU B 252 6.10 -31.26 9.26
CA GLU B 252 6.67 -32.59 9.09
C GLU B 252 7.68 -32.59 7.96
N ASP B 253 7.35 -31.90 6.87
CA ASP B 253 8.24 -31.86 5.73
C ASP B 253 9.52 -31.13 6.11
N THR B 254 9.38 -30.08 6.91
CA THR B 254 10.52 -29.31 7.41
C THR B 254 11.51 -30.19 8.18
N GLU B 255 11.00 -30.96 9.13
CA GLU B 255 11.82 -31.85 9.96
C GLU B 255 12.54 -32.90 9.11
N GLU B 256 11.86 -33.41 8.10
CA GLU B 256 12.48 -34.37 7.20
C GLU B 256 13.59 -33.74 6.36
N TYR B 257 13.28 -32.60 5.78
CA TYR B 257 14.24 -31.85 4.97
C TYR B 257 15.53 -31.54 5.73
N HIS B 258 15.39 -31.06 6.95
CA HIS B 258 16.58 -30.66 7.69
C HIS B 258 17.36 -31.83 8.28
N SER B 259 16.68 -32.93 8.57
CA SER B 259 17.37 -34.15 8.94
C SER B 259 18.30 -34.59 7.80
N ILE B 260 17.77 -34.61 6.58
CA ILE B 260 18.58 -35.00 5.43
C ILE B 260 19.75 -34.03 5.23
N LEU B 261 19.48 -32.72 5.35
CA LEU B 261 20.55 -31.72 5.15
C LEU B 261 21.67 -31.84 6.17
N ARG B 262 21.31 -31.97 7.46
CA ARG B 262 22.29 -32.15 8.53
C ARG B 262 23.17 -33.38 8.24
N GLY B 263 22.53 -34.41 7.71
CA GLY B 263 23.23 -35.63 7.34
C GLY B 263 24.31 -35.42 6.29
N VAL B 264 24.25 -34.31 5.56
CA VAL B 264 25.28 -34.02 4.57
C VAL B 264 26.07 -32.74 4.92
N GLY B 265 26.00 -32.30 6.18
CA GLY B 265 26.86 -31.24 6.66
C GLY B 265 26.28 -29.83 6.55
N VAL B 266 24.98 -29.75 6.28
CA VAL B 266 24.29 -28.46 6.22
C VAL B 266 23.29 -28.35 7.35
N ASN B 267 23.68 -27.62 8.38
CA ASN B 267 22.84 -27.45 9.56
C ASN B 267 22.21 -26.04 9.63
N VAL B 268 21.01 -25.93 9.08
CA VAL B 268 20.26 -24.67 9.02
C VAL B 268 19.67 -24.28 10.38
N ILE B 269 19.18 -25.27 11.11
CA ILE B 269 18.55 -25.01 12.41
C ILE B 269 19.57 -24.94 13.54
N ARG B 270 20.03 -23.72 13.80
CA ARG B 270 21.06 -23.49 14.80
C ARG B 270 20.48 -23.51 16.22
N GLU B 271 21.35 -23.40 17.22
CA GLU B 271 20.98 -23.71 18.59
C GLU B 271 19.77 -22.93 19.13
N ASN B 272 19.76 -21.61 18.94
CA ASN B 272 18.66 -20.83 19.51
C ASN B 272 17.37 -21.00 18.71
N MET B 273 17.51 -21.40 17.45
CA MET B 273 16.34 -21.81 16.66
C MET B 273 15.76 -23.13 17.22
N GLN B 274 16.63 -24.09 17.55
CA GLN B 274 16.17 -25.34 18.19
C GLN B 274 15.47 -25.07 19.50
N LYS B 275 16.04 -24.16 20.29
CA LYS B 275 15.43 -23.77 21.56
C LYS B 275 14.02 -23.20 21.39
N LEU B 276 13.85 -22.33 20.40
CA LEU B 276 12.53 -21.77 20.14
C LEU B 276 11.57 -22.89 19.77
N ILE B 277 12.03 -23.77 18.88
CA ILE B 277 11.22 -24.88 18.40
C ILE B 277 10.78 -25.77 19.57
N SER B 278 11.69 -26.00 20.52
CA SER B 278 11.32 -26.76 21.72
C SER B 278 10.20 -26.07 22.48
N TYR B 279 10.35 -24.75 22.67
CA TYR B 279 9.31 -23.96 23.32
C TYR B 279 7.97 -24.01 22.59
N LEU B 280 8.03 -23.97 21.25
CA LEU B 280 6.83 -24.03 20.44
C LEU B 280 6.09 -25.35 20.62
N LYS B 281 6.83 -26.41 20.94
CA LYS B 281 6.20 -27.71 21.24
C LYS B 281 5.39 -27.64 22.52
N LEU B 282 5.98 -27.06 23.57
CA LEU B 282 5.28 -26.85 24.84
C LEU B 282 4.01 -26.04 24.65
N ILE B 283 4.16 -24.92 23.96
CA ILE B 283 3.06 -23.99 23.69
C ILE B 283 1.93 -24.66 22.92
N ARG B 284 2.27 -25.65 22.09
CA ARG B 284 1.28 -26.35 21.28
C ARG B 284 0.23 -27.08 22.14
N LYS B 285 0.52 -27.23 23.43
CA LYS B 285 -0.45 -27.83 24.35
C LYS B 285 -1.59 -26.85 24.65
N ASP B 286 -1.28 -25.55 24.61
CA ASP B 286 -2.27 -24.52 24.91
C ASP B 286 -3.17 -24.20 23.71
N TYR B 287 -2.54 -24.04 22.55
CA TYR B 287 -3.29 -23.77 21.33
C TYR B 287 -2.50 -24.24 20.11
N TRP B 288 -3.18 -24.38 18.98
CA TRP B 288 -2.54 -24.93 17.79
C TRP B 288 -1.45 -24.01 17.22
N ASN B 289 -0.35 -24.62 16.80
CA ASN B 289 0.65 -23.94 15.98
C ASN B 289 1.39 -24.98 15.14
N ALA B 290 2.08 -24.53 14.11
CA ALA B 290 2.96 -25.40 13.33
C ALA B 290 4.05 -24.54 12.77
N TYR B 291 5.25 -25.06 12.62
CA TYR B 291 6.34 -24.20 12.21
C TYR B 291 7.00 -24.67 10.94
N ILE B 292 7.74 -23.77 10.30
CA ILE B 292 8.48 -24.06 9.09
C ILE B 292 9.84 -23.42 9.20
N VAL B 293 10.85 -24.15 8.73
CA VAL B 293 12.18 -23.60 8.54
C VAL B 293 12.61 -23.91 7.11
N THR B 294 12.93 -22.86 6.35
CA THR B 294 13.37 -23.04 4.99
C THR B 294 14.88 -23.11 4.96
N GLY B 295 15.53 -22.41 4.04
CA GLY B 295 16.98 -22.42 3.98
C GLY B 295 17.66 -21.36 4.85
N GLY B 296 16.89 -20.42 5.38
CA GLY B 296 17.45 -19.28 6.10
C GLY B 296 17.32 -19.42 7.60
N SER B 297 17.82 -18.42 8.34
CA SER B 297 17.83 -18.46 9.80
C SER B 297 16.57 -17.87 10.39
N ASN B 298 15.43 -18.44 10.02
CA ASN B 298 14.14 -17.96 10.45
C ASN B 298 13.27 -19.13 10.81
N VAL B 299 12.41 -18.94 11.79
CA VAL B 299 11.39 -19.93 12.12
C VAL B 299 10.03 -19.30 11.91
N TYR B 300 9.23 -19.86 11.01
CA TYR B 300 7.91 -19.31 10.71
C TYR B 300 6.88 -20.12 11.43
N VAL B 301 5.98 -19.45 12.15
CA VAL B 301 5.04 -20.18 12.96
C VAL B 301 3.62 -19.86 12.54
N ALA B 302 2.97 -20.83 11.92
CA ALA B 302 1.57 -20.65 11.55
C ALA B 302 0.71 -20.75 12.81
N VAL B 303 -0.35 -19.95 12.88
CA VAL B 303 -1.17 -19.89 14.06
C VAL B 303 -2.53 -19.36 13.63
N GLU B 304 -3.58 -19.73 14.35
CA GLU B 304 -4.91 -19.18 14.07
C GLU B 304 -4.90 -17.72 14.46
N SER B 305 -5.64 -16.91 13.71
CA SER B 305 -5.60 -15.47 13.90
C SER B 305 -6.03 -15.06 15.30
N GLU B 306 -6.98 -15.81 15.87
CA GLU B 306 -7.44 -15.58 17.24
C GLU B 306 -6.30 -15.59 18.25
N ASN B 307 -5.29 -16.41 17.96
CA ASN B 307 -4.16 -16.59 18.88
C ASN B 307 -2.91 -15.86 18.44
N ALA B 308 -3.02 -15.07 17.37
CA ALA B 308 -1.85 -14.44 16.77
C ALA B 308 -1.12 -13.52 17.77
N ASP B 309 -1.86 -12.58 18.35
CA ASP B 309 -1.30 -11.65 19.33
C ASP B 309 -0.62 -12.37 20.50
N ARG B 310 -1.31 -13.40 20.98
CA ARG B 310 -0.81 -14.23 22.07
C ARG B 310 0.56 -14.81 21.74
N LEU B 311 0.69 -15.40 20.57
CA LEU B 311 1.98 -15.92 20.11
C LEU B 311 3.00 -14.79 19.91
N PHE B 312 2.55 -13.69 19.33
CA PHE B 312 3.45 -12.57 19.07
C PHE B 312 4.01 -12.04 20.39
N SER B 313 3.20 -12.12 21.43
CA SER B 313 3.56 -11.57 22.73
C SER B 313 4.65 -12.32 23.50
N ILE B 314 4.97 -13.56 23.10
CA ILE B 314 5.83 -14.40 23.95
C ILE B 314 7.16 -13.73 24.28
N GLU B 315 7.54 -13.82 25.56
CA GLU B 315 8.58 -12.97 26.12
C GLU B 315 9.99 -13.40 25.74
N ASN B 316 10.26 -14.70 25.86
CA ASN B 316 11.56 -15.22 25.48
C ASN B 316 11.55 -15.77 24.06
N THR B 317 12.27 -15.07 23.18
CA THR B 317 12.35 -15.43 21.77
C THR B 317 13.75 -15.95 21.43
N PHE B 318 14.55 -16.19 22.47
CA PHE B 318 15.91 -16.73 22.31
C PHE B 318 16.72 -15.94 21.30
N GLY B 319 16.58 -14.62 21.37
CA GLY B 319 17.39 -13.70 20.59
C GLY B 319 16.89 -13.39 19.19
N SER B 320 15.61 -13.66 18.94
CA SER B 320 15.06 -13.44 17.61
C SER B 320 14.12 -12.24 17.55
N LYS B 321 14.08 -11.59 16.38
CA LYS B 321 13.12 -10.51 16.11
C LYS B 321 11.81 -11.06 15.52
N LYS B 322 10.68 -10.63 16.06
CA LYS B 322 9.37 -11.11 15.59
C LYS B 322 8.73 -10.19 14.55
N LYS B 323 8.06 -10.79 13.56
CA LYS B 323 7.31 -10.05 12.56
C LYS B 323 5.99 -10.79 12.29
N MET B 324 4.89 -10.04 12.20
CA MET B 324 3.57 -10.62 11.95
C MET B 324 3.29 -10.68 10.44
N LEU B 325 2.92 -11.85 9.94
CA LEU B 325 2.74 -12.04 8.50
C LEU B 325 1.40 -12.67 8.14
N ARG B 326 1.06 -12.58 6.86
CA ARG B 326 -0.13 -13.24 6.33
C ARG B 326 0.12 -13.73 4.92
N ILE B 327 -0.70 -14.67 4.49
CA ILE B 327 -0.62 -15.25 3.15
C ILE B 327 -1.19 -14.27 2.15
N VAL B 328 -0.49 -14.03 1.03
CA VAL B 328 -0.94 -13.04 0.04
C VAL B 328 -0.89 -13.64 -1.36
N GLY B 329 -1.18 -12.81 -2.36
CA GLY B 329 -1.32 -13.29 -3.72
C GLY B 329 -0.10 -13.16 -4.62
N GLY B 330 -0.38 -13.16 -5.92
CA GLY B 330 0.64 -13.28 -6.94
C GLY B 330 1.29 -11.95 -7.33
N ALA B 331 2.30 -12.04 -8.19
CA ALA B 331 3.02 -10.84 -8.63
C ALA B 331 2.09 -9.98 -9.49
N TRP B 332 2.29 -8.67 -9.50
CA TRP B 332 1.41 -7.82 -10.30
C TRP B 332 2.16 -6.60 -10.84
N HIS B 333 1.54 -5.88 -11.78
CA HIS B 333 2.18 -4.73 -12.44
C HIS B 333 1.22 -3.53 -12.55
N ARG B 334 1.81 -2.33 -12.61
CA ARG B 334 1.06 -1.12 -12.93
C ARG B 334 1.02 -1.01 -14.46
N ARG B 335 0.26 -0.05 -14.99
CA ARG B 335 0.23 0.11 -16.44
C ARG B 335 1.58 0.64 -16.91
N PRO B 336 2.02 0.23 -18.11
CA PRO B 336 3.29 0.78 -18.61
C PRO B 336 3.21 2.30 -18.77
N GLU B 337 4.35 2.98 -18.74
CA GLU B 337 4.39 4.44 -18.76
C GLU B 337 5.26 4.97 -19.90
S SO4 C . -31.10 10.92 -3.08
O1 SO4 C . -31.82 10.76 -4.34
O2 SO4 C . -30.26 12.12 -3.14
O3 SO4 C . -30.26 9.75 -2.82
O4 SO4 C . -32.05 11.07 -1.99
S SO4 D . -14.86 15.76 -2.20
O1 SO4 D . -14.95 16.36 -0.87
O2 SO4 D . -13.90 16.54 -2.99
O3 SO4 D . -16.18 15.80 -2.83
O4 SO4 D . -14.45 14.34 -2.16
S SO4 E . -12.50 22.91 -14.50
O1 SO4 E . -11.78 24.19 -14.42
O2 SO4 E . -13.01 22.72 -15.86
O3 SO4 E . -11.59 21.80 -14.14
O4 SO4 E . -13.61 22.92 -13.56
C ACT F . -16.62 22.26 0.17
O ACT F . -16.21 23.17 0.93
OXT ACT F . -15.92 22.06 -0.84
CH3 ACT F . -17.87 21.44 0.43
C ACT G . -15.11 21.45 4.57
O ACT G . -14.44 22.48 4.85
OXT ACT G . -14.49 20.33 4.62
CH3 ACT G . -16.58 21.54 4.20
S SO4 H . 27.43 -17.52 12.76
O1 SO4 H . 26.29 -16.61 12.67
O2 SO4 H . 28.66 -16.74 12.73
O3 SO4 H . 27.31 -18.27 14.01
O4 SO4 H . 27.44 -18.44 11.62
S SO4 I . 26.28 -13.66 -11.40
O1 SO4 I . 26.14 -12.27 -10.99
O2 SO4 I . 27.24 -13.75 -12.51
O3 SO4 I . 26.80 -14.44 -10.26
O4 SO4 I . 24.99 -14.21 -11.82
S SO4 J . 16.38 -15.64 0.09
O1 SO4 J . 15.65 -14.57 0.80
O2 SO4 J . 16.47 -15.34 -1.35
O3 SO4 J . 17.73 -15.72 0.65
O4 SO4 J . 15.66 -16.90 0.28
S SO4 K . 21.60 -17.44 -2.44
O1 SO4 K . 22.55 -16.35 -2.23
O2 SO4 K . 20.64 -17.03 -3.48
O3 SO4 K . 20.89 -17.74 -1.19
O4 SO4 K . 22.33 -18.63 -2.89
C ACT L . 12.56 -24.00 0.24
O ACT L . 12.05 -22.88 0.47
OXT ACT L . 11.99 -24.72 -0.65
CH3 ACT L . 13.79 -24.44 0.98
#